data_8IF2
#
_entry.id   8IF2
#
_cell.length_a   120.052
_cell.length_b   120.052
_cell.length_c   167.416
_cell.angle_alpha   90.000
_cell.angle_beta   90.000
_cell.angle_gamma   120.000
#
_symmetry.space_group_name_H-M   'P 32 1 2'
#
loop_
_entity.id
_entity.type
_entity.pdbx_description
1 polymer 'Processed angiotensin-converting enzyme 2'
2 polymer 'Spike protein S1'
3 branched beta-D-mannopyranose-(1-4)-2-acetamido-2-deoxy-beta-D-glucopyranose-(1-4)-2-acetamido-2-deoxy-beta-D-glucopyranose
4 branched alpha-D-mannopyranose-(1-3)-[alpha-D-mannopyranose-(1-6)]alpha-D-mannopyranose-(1-6)-[alpha-D-mannopyranose-(1-3)]beta-D-mannopyranose-(1-4)-2-acetamido-2-deoxy-beta-D-glucopyranose-(1-4)-2-acetamido-2-deoxy-beta-D-glucopyranose
5 branched 2-acetamido-2-deoxy-beta-D-glucopyranose-(1-4)-2-acetamido-2-deoxy-beta-D-glucopyranose
6 non-polymer 'ZINC ION'
7 non-polymer 2-acetamido-2-deoxy-beta-D-glucopyranose
8 water water
#
loop_
_entity_poly.entity_id
_entity_poly.type
_entity_poly.pdbx_seq_one_letter_code
_entity_poly.pdbx_strand_id
1 'polypeptide(L)'
;STIEEQAKTFLDKFNHEAEDLFYQSSLASWNYNTNITEENVQNMNNAGDKWSAFLKEQSTLAQMYPLQEIQNLTVKLQLQ
ALQQNGSSVLSEDKSKRLNTILNTMSTIYSTGKVCNPDNPQECLLLEPGLNEIMANSLDYNERLWAWESWRSEVGKQLRP
LYEEYVVLKNEMARANHYEDYGDYWRGDYEVNGVDGYDYSRGQLIEDVEHTFEEIKPLYEHLHAYVRAKLMNAYPSYISP
IGCLPAHLLGDMWGRFWTNLYSLTVPFGQKPNIDVTDAMVDQAWDAQRIFKEAEKFFVSVGLPNMTQGFWENSMLTDPGN
VQKAVCHPTAWDLGKGDFRILMCTKVTMDDFLTAHHEMGHIQYDMAYAAQPFLLRNGANEGFHEAVGEIMSLSAATPKHL
KSIGLLSPDFQEDNETEINFLLKQALTIVGTLPFTYMLEKWRWMVFKGEIPKDQWMKKWWEMKREIVGVVEPVPHDETYC
DPASLFHVSNDYSFIRYYTRTLYQFQFQEALCQAAKHEGPLHKCDISNSTEAGQKLFNMLRLGKSEPWTLALENVVGAKN
MNVRPLLNYFEPLFTWLKDQNKNSFVGWSTDWSPYADQSGTKHHHHHH
;
A
2 'polypeptide(L)'
;PTESIVRFPNITNLCPFDEVFNATTFASVYAWNRKRISNCVADYSVLYNFAPFFAFKCYGVSPTKLNDLCFTNVYADSFV
IRGNEVSQIAPGQTGNIADYNYKLPDDFTGCVIAWNSNKLDSTVGGNYNYRYRLFRKSKLKPFERDISTEIYQAGNKPCN
GVAGVNCYFPLQSYGFRPTYGVGHQPYRVVVLSFELLHAPATVCGPKKSTNLVKNGTKHHHHHH
;
B
#
# COMPACT_ATOMS: atom_id res chain seq x y z
N SER A 1 11.32 38.22 -0.18
CA SER A 1 11.08 36.79 -0.06
C SER A 1 12.35 36.04 0.32
N THR A 2 12.25 35.22 1.37
CA THR A 2 13.35 34.36 1.76
C THR A 2 13.34 33.09 0.91
N ILE A 3 14.51 32.43 0.83
CA ILE A 3 14.61 31.19 0.07
C ILE A 3 13.68 30.13 0.65
N GLU A 4 13.42 30.17 1.96
CA GLU A 4 12.53 29.20 2.57
C GLU A 4 11.09 29.39 2.11
N GLU A 5 10.60 30.63 2.14
CA GLU A 5 9.25 30.91 1.67
C GLU A 5 9.09 30.54 0.20
N GLN A 6 10.14 30.76 -0.60
CA GLN A 6 10.09 30.34 -1.99
C GLN A 6 10.09 28.83 -2.12
N ALA A 7 10.87 28.14 -1.27
CA ALA A 7 10.86 26.68 -1.29
C ALA A 7 9.49 26.13 -0.88
N LYS A 8 8.86 26.75 0.12
CA LYS A 8 7.52 26.34 0.51
C LYS A 8 6.54 26.49 -0.64
N THR A 9 6.53 27.67 -1.27
CA THR A 9 5.62 27.91 -2.39
C THR A 9 5.92 26.96 -3.55
N PHE A 10 7.21 26.66 -3.78
CA PHE A 10 7.57 25.67 -4.79
C PHE A 10 7.01 24.30 -4.45
N LEU A 11 7.15 23.88 -3.18
CA LEU A 11 6.65 22.58 -2.76
C LEU A 11 5.13 22.52 -2.84
N ASP A 12 4.44 23.62 -2.56
CA ASP A 12 2.98 23.64 -2.68
C ASP A 12 2.56 23.42 -4.13
N LYS A 13 3.11 24.22 -5.05
CA LYS A 13 2.81 24.04 -6.47
C LYS A 13 3.24 22.66 -6.95
N PHE A 14 4.35 22.15 -6.41
CA PHE A 14 4.80 20.81 -6.79
C PHE A 14 3.79 19.75 -6.37
N ASN A 15 3.31 19.83 -5.13
CA ASN A 15 2.46 18.78 -4.60
C ASN A 15 1.16 18.65 -5.37
N HIS A 16 0.61 19.76 -5.88
CA HIS A 16 -0.66 19.69 -6.57
C HIS A 16 -0.51 19.09 -7.95
N GLU A 17 0.60 19.35 -8.63
CA GLU A 17 0.84 18.72 -9.92
C GLU A 17 1.27 17.27 -9.75
N ALA A 18 2.10 17.00 -8.73
CA ALA A 18 2.63 15.65 -8.53
C ALA A 18 1.52 14.67 -8.17
N GLU A 19 0.59 15.06 -7.29
CA GLU A 19 -0.50 14.17 -6.91
C GLU A 19 -1.37 13.79 -8.10
N ASP A 20 -1.58 14.71 -9.04
CA ASP A 20 -2.43 14.41 -10.20
C ASP A 20 -1.73 13.50 -11.19
N LEU A 21 -0.42 13.71 -11.42
CA LEU A 21 0.31 12.84 -12.34
C LEU A 21 0.57 11.47 -11.71
N PHE A 22 0.88 11.44 -10.41
CA PHE A 22 1.05 10.16 -9.72
C PHE A 22 -0.23 9.33 -9.78
N TYR A 23 -1.38 9.99 -9.67
CA TYR A 23 -2.64 9.26 -9.70
C TYR A 23 -2.89 8.64 -11.07
N GLN A 24 -2.61 9.39 -12.13
CA GLN A 24 -2.78 8.83 -13.48
C GLN A 24 -1.83 7.68 -13.72
N SER A 25 -0.57 7.83 -13.32
CA SER A 25 0.38 6.73 -13.45
C SER A 25 -0.03 5.54 -12.61
N SER A 26 -0.51 5.79 -11.39
CA SER A 26 -0.97 4.70 -10.52
C SER A 26 -2.16 3.99 -11.13
N LEU A 27 -3.16 4.76 -11.58
CA LEU A 27 -4.37 4.16 -12.14
C LEU A 27 -4.07 3.40 -13.42
N ALA A 28 -3.17 3.93 -14.26
CA ALA A 28 -2.75 3.20 -15.45
C ALA A 28 -2.09 1.88 -15.08
N SER A 29 -1.24 1.89 -14.06
CA SER A 29 -0.60 0.65 -13.61
C SER A 29 -1.62 -0.32 -13.05
N TRP A 30 -2.63 0.19 -12.35
CA TRP A 30 -3.69 -0.68 -11.84
C TRP A 30 -4.45 -1.34 -12.99
N ASN A 31 -4.81 -0.56 -14.01
CA ASN A 31 -5.57 -1.10 -15.13
C ASN A 31 -4.81 -2.24 -15.81
N TYR A 32 -3.48 -2.11 -15.91
CA TYR A 32 -2.69 -3.17 -16.52
C TYR A 32 -2.66 -4.41 -15.63
N ASN A 33 -2.53 -4.23 -14.32
CA ASN A 33 -2.35 -5.38 -13.43
C ASN A 33 -3.64 -6.16 -13.23
N THR A 34 -4.80 -5.50 -13.26
CA THR A 34 -6.06 -6.22 -13.17
C THR A 34 -6.52 -6.78 -14.51
N ASN A 35 -5.88 -6.36 -15.61
CA ASN A 35 -6.44 -6.56 -16.94
C ASN A 35 -5.30 -6.37 -17.94
N ILE A 36 -4.67 -7.47 -18.34
CA ILE A 36 -3.43 -7.45 -19.10
C ILE A 36 -3.76 -7.44 -20.58
N THR A 37 -3.59 -6.28 -21.23
CA THR A 37 -3.80 -6.13 -22.65
C THR A 37 -2.70 -5.25 -23.23
N GLU A 38 -2.51 -5.34 -24.55
CA GLU A 38 -1.48 -4.53 -25.19
C GLU A 38 -1.82 -3.04 -25.12
N GLU A 39 -3.12 -2.70 -25.15
CA GLU A 39 -3.49 -1.29 -25.03
C GLU A 39 -3.24 -0.76 -23.63
N ASN A 40 -3.49 -1.59 -22.60
CA ASN A 40 -3.24 -1.16 -21.24
C ASN A 40 -1.75 -1.06 -20.93
N VAL A 41 -0.91 -1.76 -21.70
CA VAL A 41 0.54 -1.61 -21.53
C VAL A 41 0.98 -0.20 -21.92
N GLN A 42 0.66 0.20 -23.15
CA GLN A 42 1.12 1.49 -23.65
C GLN A 42 0.46 2.66 -22.92
N ASN A 43 -0.70 2.46 -22.31
CA ASN A 43 -1.24 3.48 -21.41
C ASN A 43 -0.39 3.59 -20.15
N MET A 44 0.04 2.45 -19.60
CA MET A 44 0.95 2.47 -18.46
C MET A 44 2.29 3.10 -18.85
N ASN A 45 2.76 2.81 -20.06
CA ASN A 45 4.03 3.39 -20.51
C ASN A 45 3.92 4.90 -20.65
N ASN A 46 2.84 5.38 -21.28
CA ASN A 46 2.69 6.81 -21.50
C ASN A 46 2.52 7.56 -20.18
N ALA A 47 1.70 7.02 -19.27
CA ALA A 47 1.53 7.68 -17.98
C ALA A 47 2.80 7.60 -17.13
N GLY A 48 3.61 6.56 -17.32
CA GLY A 48 4.88 6.49 -16.63
C GLY A 48 5.94 7.40 -17.22
N ASP A 49 5.88 7.64 -18.54
CA ASP A 49 6.80 8.57 -19.17
C ASP A 49 6.51 10.00 -18.75
N LYS A 50 5.22 10.38 -18.72
CA LYS A 50 4.85 11.71 -18.24
C LYS A 50 5.26 11.90 -16.79
N TRP A 51 5.17 10.85 -15.98
CA TRP A 51 5.47 10.97 -14.56
C TRP A 51 6.96 11.15 -14.32
N SER A 52 7.80 10.49 -15.10
CA SER A 52 9.25 10.60 -14.90
C SER A 52 9.81 11.88 -15.51
N ALA A 53 9.26 12.33 -16.64
CA ALA A 53 9.67 13.61 -17.20
C ALA A 53 9.31 14.76 -16.27
N PHE A 54 8.27 14.58 -15.46
CA PHE A 54 7.93 15.56 -14.44
C PHE A 54 8.99 15.60 -13.35
N LEU A 55 9.37 14.44 -12.83
CA LEU A 55 10.44 14.38 -11.84
C LEU A 55 11.77 14.85 -12.41
N LYS A 56 11.99 14.62 -13.71
CA LYS A 56 13.21 15.08 -14.36
C LYS A 56 13.38 16.59 -14.21
N GLU A 57 12.31 17.34 -14.45
CA GLU A 57 12.39 18.80 -14.36
C GLU A 57 12.29 19.28 -12.91
N GLN A 58 11.46 18.64 -12.10
CA GLN A 58 11.26 19.11 -10.72
C GLN A 58 12.51 18.89 -9.87
N SER A 59 13.14 17.71 -9.97
CA SER A 59 14.37 17.47 -9.24
C SER A 59 15.48 18.40 -9.67
N THR A 60 15.43 18.92 -10.90
CA THR A 60 16.39 19.92 -11.35
C THR A 60 16.08 21.29 -10.76
N LEU A 61 14.80 21.68 -10.77
CA LEU A 61 14.42 22.98 -10.23
C LEU A 61 14.69 23.07 -8.74
N ALA A 62 14.51 21.96 -8.01
CA ALA A 62 14.67 21.96 -6.57
C ALA A 62 16.11 22.25 -6.13
N GLN A 63 17.06 22.26 -7.06
CA GLN A 63 18.44 22.60 -6.71
C GLN A 63 18.59 24.09 -6.39
N MET A 64 17.64 24.92 -6.81
CA MET A 64 17.76 26.36 -6.63
C MET A 64 17.57 26.80 -5.18
N TYR A 65 17.25 25.89 -4.27
CA TYR A 65 17.05 26.23 -2.86
C TYR A 65 18.08 25.49 -2.01
N PRO A 66 19.02 26.19 -1.37
CA PRO A 66 20.05 25.49 -0.58
C PRO A 66 19.49 25.03 0.75
N LEU A 67 19.79 23.77 1.10
CA LEU A 67 19.28 23.20 2.34
C LEU A 67 19.79 23.95 3.57
N GLN A 68 21.00 24.52 3.48
CA GLN A 68 21.67 25.10 4.63
C GLN A 68 21.00 26.38 5.15
N GLU A 69 19.86 26.79 4.60
CA GLU A 69 19.14 27.93 5.15
C GLU A 69 17.64 27.68 5.22
N ILE A 70 17.24 26.40 5.30
CA ILE A 70 15.86 26.03 5.56
C ILE A 70 15.78 25.68 7.04
N GLN A 71 15.19 26.57 7.83
CA GLN A 71 15.11 26.30 9.27
C GLN A 71 13.98 25.34 9.61
N ASN A 72 12.87 25.38 8.85
CA ASN A 72 11.79 24.44 9.06
C ASN A 72 12.21 23.07 8.53
N LEU A 73 12.27 22.08 9.42
CA LEU A 73 12.81 20.78 9.04
C LEU A 73 11.93 20.09 8.01
N THR A 74 10.61 20.06 8.24
CA THR A 74 9.73 19.34 7.33
C THR A 74 9.75 19.91 5.92
N VAL A 75 10.15 21.18 5.77
CA VAL A 75 10.43 21.71 4.43
C VAL A 75 11.75 21.15 3.92
N LYS A 76 12.77 21.11 4.78
CA LYS A 76 14.05 20.53 4.42
C LYS A 76 13.90 19.09 3.94
N LEU A 77 13.01 18.33 4.59
CA LEU A 77 12.86 16.91 4.27
C LEU A 77 12.27 16.70 2.89
N GLN A 78 11.24 17.48 2.53
CA GLN A 78 10.66 17.37 1.19
C GLN A 78 11.67 17.73 0.12
N LEU A 79 12.46 18.78 0.37
CA LEU A 79 13.47 19.21 -0.60
C LEU A 79 14.52 18.13 -0.79
N GLN A 80 15.03 17.56 0.32
CA GLN A 80 16.01 16.49 0.22
C GLN A 80 15.46 15.32 -0.58
N ALA A 81 14.21 14.91 -0.30
CA ALA A 81 13.64 13.74 -0.94
C ALA A 81 13.41 13.93 -2.43
N LEU A 82 13.33 15.17 -2.91
CA LEU A 82 13.03 15.43 -4.31
C LEU A 82 14.26 15.42 -5.20
N GLN A 83 15.43 15.80 -4.67
CA GLN A 83 16.66 15.80 -5.44
C GLN A 83 17.49 14.53 -5.23
N GLN A 84 16.94 13.52 -4.57
CA GLN A 84 17.72 12.41 -4.04
C GLN A 84 17.65 11.21 -4.98
N ASN A 85 18.71 11.04 -5.78
CA ASN A 85 19.05 9.77 -6.44
C ASN A 85 17.86 9.10 -7.14
N GLY A 86 16.89 9.89 -7.59
CA GLY A 86 15.75 9.31 -8.29
C GLY A 86 15.67 9.80 -9.72
N SER A 87 16.78 10.38 -10.20
CA SER A 87 16.80 10.95 -11.54
C SER A 87 16.33 9.95 -12.58
N SER A 88 16.86 8.73 -12.53
CA SER A 88 16.51 7.67 -13.49
C SER A 88 16.59 8.17 -14.93
N VAL A 89 17.48 9.11 -15.19
CA VAL A 89 17.72 9.54 -16.56
C VAL A 89 18.34 8.38 -17.32
N LEU A 90 17.58 7.83 -18.24
CA LEU A 90 18.08 6.88 -19.23
C LEU A 90 17.79 7.47 -20.61
N SER A 91 18.52 7.01 -21.61
CA SER A 91 18.22 7.46 -22.96
C SER A 91 16.82 6.98 -23.35
N GLU A 92 16.19 7.73 -24.26
CA GLU A 92 14.83 7.38 -24.68
C GLU A 92 14.78 5.96 -25.24
N ASP A 93 15.81 5.57 -25.99
CA ASP A 93 15.82 4.23 -26.57
C ASP A 93 16.04 3.16 -25.50
N LYS A 94 16.94 3.40 -24.55
CA LYS A 94 17.18 2.42 -23.50
C LYS A 94 16.09 2.43 -22.43
N SER A 95 15.40 3.56 -22.25
CA SER A 95 14.26 3.58 -21.33
C SER A 95 13.10 2.77 -21.91
N LYS A 96 12.90 2.82 -23.22
CA LYS A 96 11.84 2.05 -23.85
C LYS A 96 12.14 0.56 -23.84
N ARG A 97 13.42 0.18 -23.94
CA ARG A 97 13.76 -1.24 -23.96
C ARG A 97 13.58 -1.87 -22.59
N LEU A 98 13.98 -1.16 -21.52
CA LEU A 98 13.79 -1.69 -20.18
C LEU A 98 12.31 -1.89 -19.86
N ASN A 99 11.46 -0.97 -20.33
CA ASN A 99 10.02 -1.13 -20.13
C ASN A 99 9.50 -2.37 -20.83
N THR A 100 9.89 -2.57 -22.09
CA THR A 100 9.47 -3.76 -22.82
C THR A 100 9.90 -5.03 -22.10
N ILE A 101 11.12 -5.04 -21.57
CA ILE A 101 11.59 -6.19 -20.78
C ILE A 101 10.74 -6.35 -19.53
N LEU A 102 10.48 -5.25 -18.83
CA LEU A 102 9.67 -5.31 -17.61
C LEU A 102 8.26 -5.78 -17.91
N ASN A 103 7.61 -5.17 -18.89
CA ASN A 103 6.23 -5.53 -19.23
C ASN A 103 6.15 -6.97 -19.70
N THR A 104 7.13 -7.43 -20.47
CA THR A 104 7.11 -8.80 -20.97
C THR A 104 7.27 -9.80 -19.84
N MET A 105 8.27 -9.58 -18.97
CA MET A 105 8.43 -10.46 -17.81
C MET A 105 7.19 -10.43 -16.92
N SER A 106 6.56 -9.26 -16.78
CA SER A 106 5.34 -9.16 -16.01
C SER A 106 4.21 -9.94 -16.64
N THR A 107 4.06 -9.85 -17.97
CA THR A 107 3.00 -10.56 -18.66
C THR A 107 3.22 -12.06 -18.64
N ILE A 108 4.48 -12.49 -18.80
CA ILE A 108 4.77 -13.92 -18.87
C ILE A 108 4.47 -14.60 -17.54
N TYR A 109 4.78 -13.95 -16.42
CA TYR A 109 4.57 -14.58 -15.12
C TYR A 109 3.09 -14.82 -14.85
N SER A 110 2.23 -13.86 -15.17
CA SER A 110 0.81 -13.96 -14.84
C SER A 110 -0.01 -14.63 -15.92
N THR A 111 0.46 -14.67 -17.17
CA THR A 111 -0.24 -15.34 -18.25
C THR A 111 0.50 -16.57 -18.76
N GLY A 112 1.62 -16.93 -18.16
CA GLY A 112 2.33 -18.13 -18.58
C GLY A 112 1.53 -19.39 -18.27
N LYS A 113 1.48 -20.27 -19.25
CA LYS A 113 0.67 -21.48 -19.16
C LYS A 113 1.46 -22.69 -19.63
N VAL A 114 1.34 -23.79 -18.89
CA VAL A 114 1.85 -25.09 -19.30
C VAL A 114 0.67 -25.91 -19.83
N CYS A 115 0.81 -26.44 -21.03
CA CYS A 115 -0.29 -27.11 -21.69
C CYS A 115 0.01 -28.59 -21.86
N ASN A 116 -1.05 -29.36 -22.03
CA ASN A 116 -0.93 -30.81 -22.18
C ASN A 116 -0.09 -31.13 -23.42
N PRO A 117 0.94 -31.96 -23.29
CA PRO A 117 1.72 -32.35 -24.48
C PRO A 117 0.87 -32.98 -25.56
N ASP A 118 -0.24 -33.63 -25.19
CA ASP A 118 -1.12 -34.28 -26.15
C ASP A 118 -2.36 -33.44 -26.48
N ASN A 119 -2.61 -32.36 -25.74
CA ASN A 119 -3.80 -31.53 -25.95
C ASN A 119 -3.46 -30.08 -25.67
N PRO A 120 -3.19 -29.29 -26.70
CA PRO A 120 -2.77 -27.89 -26.48
C PRO A 120 -3.86 -27.01 -25.89
N GLN A 121 -5.13 -27.45 -25.91
CA GLN A 121 -6.21 -26.55 -25.49
C GLN A 121 -6.32 -26.46 -23.97
N GLU A 122 -6.16 -27.58 -23.25
CA GLU A 122 -6.29 -27.56 -21.80
C GLU A 122 -4.93 -27.26 -21.20
N CYS A 123 -4.84 -26.14 -20.49
CA CYS A 123 -3.59 -25.67 -19.93
C CYS A 123 -3.83 -25.29 -18.46
N LEU A 124 -2.72 -25.11 -17.75
CA LEU A 124 -2.75 -24.66 -16.37
C LEU A 124 -1.95 -23.37 -16.25
N LEU A 125 -2.57 -22.34 -15.68
CA LEU A 125 -1.83 -21.17 -15.28
C LEU A 125 -1.14 -21.43 -13.95
N LEU A 126 -0.28 -20.48 -13.54
CA LEU A 126 0.37 -20.63 -12.25
C LEU A 126 -0.63 -20.44 -11.11
N GLU A 127 -1.50 -19.45 -11.22
CA GLU A 127 -2.27 -19.05 -10.05
C GLU A 127 -3.38 -20.03 -9.72
N PRO A 128 -4.39 -20.25 -10.60
CA PRO A 128 -5.46 -21.17 -10.20
C PRO A 128 -5.01 -22.63 -10.20
N GLY A 129 -4.30 -23.04 -11.25
CA GLY A 129 -4.01 -24.44 -11.47
C GLY A 129 -2.79 -25.00 -10.74
N LEU A 130 -1.61 -24.47 -11.04
CA LEU A 130 -0.38 -25.07 -10.52
C LEU A 130 -0.23 -24.85 -9.01
N ASN A 131 -0.70 -23.71 -8.50
CA ASN A 131 -0.61 -23.46 -7.06
C ASN A 131 -1.42 -24.48 -6.27
N GLU A 132 -2.60 -24.86 -6.78
CA GLU A 132 -3.40 -25.87 -6.11
C GLU A 132 -2.67 -27.22 -6.07
N ILE A 133 -1.94 -27.54 -7.13
CA ILE A 133 -1.20 -28.81 -7.15
C ILE A 133 0.00 -28.73 -6.20
N MET A 134 0.66 -27.57 -6.13
CA MET A 134 1.82 -27.43 -5.27
C MET A 134 1.47 -27.21 -3.81
N ALA A 135 0.20 -26.97 -3.49
CA ALA A 135 -0.23 -26.75 -2.11
C ALA A 135 -1.03 -27.89 -1.52
N ASN A 136 -1.61 -28.76 -2.36
CA ASN A 136 -2.52 -29.80 -1.87
C ASN A 136 -2.20 -31.20 -2.35
N SER A 137 -1.33 -31.38 -3.34
CA SER A 137 -1.06 -32.72 -3.86
C SER A 137 -0.10 -33.48 -2.95
N LEU A 138 -0.20 -34.80 -3.02
CA LEU A 138 0.66 -35.70 -2.24
C LEU A 138 1.36 -36.72 -3.12
N ASP A 139 1.24 -36.62 -4.43
CA ASP A 139 1.93 -37.52 -5.36
C ASP A 139 3.30 -36.94 -5.68
N TYR A 140 4.34 -37.77 -5.55
CA TYR A 140 5.68 -37.34 -5.89
C TYR A 140 5.78 -36.96 -7.37
N ASN A 141 5.18 -37.79 -8.24
CA ASN A 141 5.28 -37.55 -9.67
C ASN A 141 4.55 -36.27 -10.07
N GLU A 142 3.36 -36.05 -9.51
CA GLU A 142 2.56 -34.90 -9.92
C GLU A 142 3.21 -33.59 -9.48
N ARG A 143 3.74 -33.55 -8.25
CA ARG A 143 4.43 -32.34 -7.78
C ARG A 143 5.67 -32.07 -8.60
N LEU A 144 6.44 -33.12 -8.92
CA LEU A 144 7.64 -32.96 -9.73
C LEU A 144 7.30 -32.42 -11.11
N TRP A 145 6.22 -32.93 -11.71
CA TRP A 145 5.83 -32.46 -13.04
C TRP A 145 5.49 -30.98 -13.03
N ALA A 146 4.71 -30.54 -12.04
CA ALA A 146 4.34 -29.13 -11.96
C ALA A 146 5.54 -28.24 -11.66
N TRP A 147 6.44 -28.72 -10.79
CA TRP A 147 7.64 -27.96 -10.46
C TRP A 147 8.51 -27.73 -11.69
N GLU A 148 8.71 -28.78 -12.49
CA GLU A 148 9.59 -28.67 -13.64
C GLU A 148 8.93 -27.97 -14.83
N SER A 149 7.67 -28.31 -15.11
CA SER A 149 6.98 -27.72 -16.27
C SER A 149 6.97 -26.20 -16.21
N TRP A 150 6.76 -25.65 -15.01
CA TRP A 150 6.71 -24.20 -14.87
C TRP A 150 8.08 -23.57 -15.08
N ARG A 151 9.14 -24.23 -14.63
CA ARG A 151 10.49 -23.69 -14.78
C ARG A 151 11.07 -23.94 -16.15
N SER A 152 10.52 -24.89 -16.91
CA SER A 152 11.05 -25.21 -18.22
C SER A 152 10.40 -24.40 -19.34
N GLU A 153 9.11 -24.07 -19.20
CA GLU A 153 8.42 -23.35 -20.26
C GLU A 153 8.40 -21.85 -19.99
N VAL A 154 8.02 -21.45 -18.79
CA VAL A 154 8.02 -20.03 -18.43
C VAL A 154 9.38 -19.57 -17.95
N GLY A 155 10.10 -20.45 -17.21
CA GLY A 155 11.40 -20.06 -16.70
C GLY A 155 12.40 -19.78 -17.80
N LYS A 156 12.50 -20.68 -18.78
CA LYS A 156 13.40 -20.45 -19.90
C LYS A 156 12.99 -19.23 -20.72
N GLN A 157 11.69 -18.92 -20.75
CA GLN A 157 11.23 -17.72 -21.45
C GLN A 157 11.77 -16.45 -20.79
N LEU A 158 11.97 -16.47 -19.48
CA LEU A 158 12.40 -15.29 -18.74
C LEU A 158 13.91 -15.14 -18.67
N ARG A 159 14.68 -16.16 -19.05
CA ARG A 159 16.13 -16.11 -18.91
C ARG A 159 16.77 -15.02 -19.76
N PRO A 160 16.52 -14.93 -21.08
CA PRO A 160 17.17 -13.85 -21.84
C PRO A 160 16.69 -12.47 -21.44
N LEU A 161 15.40 -12.33 -21.10
CA LEU A 161 14.89 -11.06 -20.64
C LEU A 161 15.59 -10.60 -19.37
N TYR A 162 15.80 -11.52 -18.43
CA TYR A 162 16.41 -11.13 -17.16
C TYR A 162 17.87 -10.70 -17.33
N GLU A 163 18.59 -11.30 -18.28
CA GLU A 163 19.98 -10.90 -18.50
C GLU A 163 20.08 -9.45 -18.93
N GLU A 164 19.30 -9.06 -19.94
CA GLU A 164 19.25 -7.66 -20.34
C GLU A 164 18.58 -6.79 -19.30
N TYR A 165 17.73 -7.37 -18.45
CA TYR A 165 17.12 -6.62 -17.35
C TYR A 165 18.19 -6.11 -16.39
N VAL A 166 19.17 -6.95 -16.05
CA VAL A 166 20.18 -6.52 -15.08
C VAL A 166 21.17 -5.55 -15.70
N VAL A 167 21.44 -5.67 -17.01
CA VAL A 167 22.42 -4.78 -17.62
C VAL A 167 21.85 -3.37 -17.75
N LEU A 168 20.53 -3.24 -17.81
CA LEU A 168 19.89 -1.93 -17.83
C LEU A 168 19.60 -1.40 -16.45
N LYS A 169 19.12 -2.26 -15.55
CA LYS A 169 18.92 -1.84 -14.16
C LYS A 169 20.24 -1.44 -13.51
N ASN A 170 21.34 -2.09 -13.89
CA ASN A 170 22.65 -1.69 -13.37
C ASN A 170 23.11 -0.38 -13.99
N GLU A 171 22.83 -0.17 -15.28
CA GLU A 171 23.21 1.09 -15.91
C GLU A 171 22.43 2.25 -15.32
N MET A 172 21.15 2.04 -15.00
CA MET A 172 20.36 3.08 -14.35
C MET A 172 20.92 3.41 -12.97
N ALA A 173 21.31 2.38 -12.20
CA ALA A 173 21.78 2.60 -10.84
C ALA A 173 23.09 3.37 -10.83
N ARG A 174 23.98 3.12 -11.79
CA ARG A 174 25.27 3.80 -11.81
C ARG A 174 25.12 5.26 -12.17
N ALA A 175 24.20 5.58 -13.09
CA ALA A 175 23.95 6.99 -13.43
C ALA A 175 23.41 7.77 -12.24
N ASN A 176 22.78 7.07 -11.28
CA ASN A 176 22.39 7.66 -10.01
C ASN A 176 23.42 7.42 -8.91
N HIS A 177 24.62 6.98 -9.29
CA HIS A 177 25.83 6.95 -8.45
C HIS A 177 25.83 5.81 -7.43
N TYR A 178 25.04 4.77 -7.65
CA TYR A 178 25.14 3.57 -6.83
C TYR A 178 26.08 2.57 -7.48
N GLU A 179 26.54 1.61 -6.67
CA GLU A 179 27.46 0.59 -7.18
C GLU A 179 26.76 -0.34 -8.17
N ASP A 180 25.52 -0.70 -7.89
CA ASP A 180 24.73 -1.56 -8.76
C ASP A 180 23.27 -1.43 -8.34
N TYR A 181 22.38 -2.14 -9.05
CA TYR A 181 20.97 -2.11 -8.70
C TYR A 181 20.73 -2.68 -7.31
N GLY A 182 21.57 -3.62 -6.87
CA GLY A 182 21.46 -4.14 -5.52
C GLY A 182 21.74 -3.09 -4.47
N ASP A 183 22.77 -2.26 -4.70
CA ASP A 183 23.05 -1.15 -3.80
C ASP A 183 21.92 -0.12 -3.85
N TYR A 184 21.27 0.03 -5.01
CA TYR A 184 20.14 0.92 -5.14
C TYR A 184 18.99 0.50 -4.22
N TRP A 185 18.61 -0.77 -4.29
CA TRP A 185 17.55 -1.27 -3.41
C TRP A 185 17.94 -1.15 -1.95
N ARG A 186 19.23 -1.36 -1.64
CA ARG A 186 19.69 -1.23 -0.26
C ARG A 186 19.56 0.20 0.26
N GLY A 187 19.72 1.18 -0.63
CA GLY A 187 19.55 2.58 -0.27
C GLY A 187 18.21 2.92 0.36
N ASP A 188 17.24 2.02 0.26
CA ASP A 188 15.96 2.22 0.94
C ASP A 188 16.16 2.38 2.45
N TYR A 189 17.08 1.62 3.02
CA TYR A 189 17.36 1.68 4.45
C TYR A 189 18.37 2.76 4.84
N GLU A 190 18.90 3.51 3.87
CA GLU A 190 19.98 4.44 4.17
C GLU A 190 19.49 5.62 5.00
N VAL A 191 20.29 5.99 6.00
CA VAL A 191 20.04 7.16 6.84
C VAL A 191 21.37 7.84 7.12
N ASN A 192 21.44 9.14 6.85
CA ASN A 192 22.65 9.90 7.17
C ASN A 192 22.26 11.33 7.50
N GLY A 193 23.14 12.01 8.22
CA GLY A 193 22.90 13.36 8.68
C GLY A 193 22.24 13.47 10.03
N VAL A 194 22.06 12.36 10.74
CA VAL A 194 21.42 12.34 12.05
C VAL A 194 22.32 11.57 13.00
N ASP A 195 22.99 12.29 13.90
CA ASP A 195 24.00 11.68 14.76
C ASP A 195 23.42 10.50 15.53
N GLY A 196 24.13 9.38 15.49
CA GLY A 196 23.75 8.22 16.28
C GLY A 196 22.65 7.39 15.67
N TYR A 197 21.86 7.99 14.79
CA TYR A 197 20.76 7.31 14.14
C TYR A 197 21.03 7.00 12.67
N ASP A 198 22.25 7.24 12.19
CA ASP A 198 22.57 6.97 10.81
C ASP A 198 22.66 5.46 10.54
N TYR A 199 22.55 5.10 9.27
CA TYR A 199 22.57 3.71 8.84
C TYR A 199 22.99 3.67 7.38
N SER A 200 23.98 2.85 7.06
CA SER A 200 24.56 2.81 5.73
C SER A 200 23.99 1.64 4.92
N ARG A 201 24.19 1.72 3.61
CA ARG A 201 23.78 0.61 2.73
C ARG A 201 24.57 -0.64 3.04
N GLY A 202 25.88 -0.51 3.31
CA GLY A 202 26.68 -1.66 3.64
C GLY A 202 26.32 -2.28 4.97
N GLN A 203 25.84 -1.48 5.92
CA GLN A 203 25.51 -1.98 7.25
C GLN A 203 24.34 -2.97 7.22
N LEU A 204 23.51 -2.94 6.18
CA LEU A 204 22.41 -3.91 6.09
C LEU A 204 22.94 -5.30 5.78
N ILE A 205 23.95 -5.40 4.91
CA ILE A 205 24.53 -6.70 4.57
C ILE A 205 25.14 -7.34 5.82
N GLU A 206 25.87 -6.56 6.60
CA GLU A 206 26.43 -7.07 7.86
C GLU A 206 25.31 -7.47 8.82
N ASP A 207 24.29 -6.63 8.96
CA ASP A 207 23.26 -6.90 9.95
C ASP A 207 22.38 -8.08 9.52
N VAL A 208 22.10 -8.21 8.23
CA VAL A 208 21.36 -9.38 7.76
C VAL A 208 22.20 -10.64 7.95
N GLU A 209 23.47 -10.59 7.54
CA GLU A 209 24.32 -11.77 7.62
C GLU A 209 24.57 -12.21 9.05
N HIS A 210 24.65 -11.27 9.99
CA HIS A 210 24.91 -11.66 11.38
C HIS A 210 23.64 -12.04 12.13
N THR A 211 22.53 -11.35 11.86
CA THR A 211 21.26 -11.75 12.47
C THR A 211 20.83 -13.13 11.96
N PHE A 212 21.08 -13.41 10.67
CA PHE A 212 20.74 -14.71 10.13
C PHE A 212 21.58 -15.82 10.74
N GLU A 213 22.84 -15.54 11.09
CA GLU A 213 23.66 -16.57 11.71
C GLU A 213 23.15 -16.94 13.09
N GLU A 214 22.53 -15.99 13.80
CA GLU A 214 21.85 -16.32 15.05
C GLU A 214 20.57 -17.11 14.80
N ILE A 215 20.06 -17.08 13.57
CA ILE A 215 18.85 -17.83 13.24
C ILE A 215 19.16 -19.26 12.81
N LYS A 216 20.36 -19.50 12.28
CA LYS A 216 20.78 -20.83 11.83
C LYS A 216 20.42 -21.97 12.78
N PRO A 217 20.65 -21.88 14.10
CA PRO A 217 20.31 -23.03 14.96
C PRO A 217 18.84 -23.38 14.97
N LEU A 218 17.96 -22.38 15.09
CA LEU A 218 16.52 -22.66 15.16
C LEU A 218 16.01 -23.28 13.87
N TYR A 219 16.46 -22.78 12.72
CA TYR A 219 15.98 -23.31 11.44
C TYR A 219 16.53 -24.70 11.18
N GLU A 220 17.77 -24.96 11.58
CA GLU A 220 18.36 -26.28 11.33
C GLU A 220 17.60 -27.38 12.06
N HIS A 221 17.05 -27.09 13.24
CA HIS A 221 16.29 -28.11 13.98
C HIS A 221 14.92 -28.34 13.36
N LEU A 222 14.20 -27.26 13.02
CA LEU A 222 12.93 -27.42 12.31
C LEU A 222 13.13 -28.15 11.00
N HIS A 223 14.25 -27.87 10.31
CA HIS A 223 14.56 -28.57 9.07
C HIS A 223 14.66 -30.07 9.30
N ALA A 224 15.37 -30.48 10.34
CA ALA A 224 15.53 -31.90 10.63
C ALA A 224 14.19 -32.54 11.03
N TYR A 225 13.36 -31.80 11.77
CA TYR A 225 12.06 -32.33 12.18
C TYR A 225 11.16 -32.55 10.97
N VAL A 226 11.02 -31.52 10.13
CA VAL A 226 10.24 -31.65 8.91
C VAL A 226 10.78 -32.78 8.04
N ARG A 227 12.09 -32.99 8.06
CA ARG A 227 12.68 -34.07 7.27
C ARG A 227 12.16 -35.43 7.70
N ALA A 228 12.04 -35.65 9.01
CA ALA A 228 11.60 -36.95 9.51
C ALA A 228 10.13 -37.20 9.19
N LYS A 229 9.27 -36.21 9.44
CA LYS A 229 7.85 -36.36 9.11
C LYS A 229 7.66 -36.49 7.59
N LEU A 230 8.57 -35.92 6.81
CA LEU A 230 8.52 -36.10 5.36
C LEU A 230 9.05 -37.46 4.94
N MET A 231 9.95 -38.05 5.73
CA MET A 231 10.40 -39.41 5.45
C MET A 231 9.24 -40.39 5.51
N ASN A 232 8.31 -40.18 6.44
CA ASN A 232 7.13 -41.05 6.52
C ASN A 232 6.22 -40.85 5.32
N ALA A 233 5.99 -39.60 4.91
CA ALA A 233 5.08 -39.32 3.82
C ALA A 233 5.57 -39.89 2.49
N TYR A 234 6.88 -39.90 2.27
CA TYR A 234 7.44 -40.34 0.99
C TYR A 234 8.44 -41.46 1.23
N PRO A 235 8.26 -42.62 0.59
CA PRO A 235 8.94 -43.85 1.03
C PRO A 235 10.46 -43.80 0.96
N SER A 236 11.02 -43.71 -0.25
CA SER A 236 12.46 -43.76 -0.45
C SER A 236 13.05 -42.49 -1.01
N TYR A 237 12.27 -41.40 -1.08
CA TYR A 237 12.71 -40.22 -1.81
C TYR A 237 13.63 -39.31 -0.99
N ILE A 238 13.69 -39.48 0.32
CA ILE A 238 14.46 -38.58 1.18
C ILE A 238 15.29 -39.42 2.17
N SER A 239 16.56 -39.07 2.30
CA SER A 239 17.50 -39.68 3.24
C SER A 239 17.61 -38.83 4.50
N PRO A 240 18.03 -39.41 5.62
CA PRO A 240 18.13 -38.64 6.88
C PRO A 240 19.22 -37.59 6.89
N ILE A 241 20.04 -37.49 5.84
CA ILE A 241 21.18 -36.58 5.84
C ILE A 241 21.16 -35.59 4.68
N GLY A 242 20.39 -35.84 3.62
CA GLY A 242 20.42 -34.99 2.45
C GLY A 242 19.52 -33.76 2.57
N CYS A 243 19.54 -32.96 1.50
CA CYS A 243 18.70 -31.77 1.43
C CYS A 243 17.24 -32.18 1.21
N LEU A 244 16.36 -31.21 1.30
CA LEU A 244 14.93 -31.44 1.07
C LEU A 244 14.60 -31.18 -0.39
N PRO A 245 14.00 -32.15 -1.08
CA PRO A 245 13.61 -31.93 -2.49
C PRO A 245 12.71 -30.71 -2.64
N ALA A 246 13.06 -29.85 -3.60
CA ALA A 246 12.44 -28.54 -3.75
C ALA A 246 10.98 -28.59 -4.16
N HIS A 247 10.49 -29.73 -4.65
CA HIS A 247 9.12 -29.83 -5.13
C HIS A 247 8.17 -30.43 -4.10
N LEU A 248 8.54 -30.45 -2.82
CA LEU A 248 7.73 -31.06 -1.77
C LEU A 248 7.60 -30.10 -0.58
N LEU A 249 7.60 -28.80 -0.83
CA LEU A 249 7.86 -27.83 0.22
C LEU A 249 6.67 -26.99 0.64
N GLY A 250 5.51 -27.17 0.02
CA GLY A 250 4.30 -26.50 0.44
C GLY A 250 3.82 -25.42 -0.51
N ASP A 251 4.73 -24.84 -1.31
CA ASP A 251 4.29 -24.00 -2.41
C ASP A 251 5.30 -24.13 -3.55
N MET A 252 5.11 -23.29 -4.59
CA MET A 252 5.83 -23.47 -5.85
C MET A 252 7.34 -23.41 -5.65
N TRP A 253 7.81 -22.52 -4.77
CA TRP A 253 9.23 -22.28 -4.60
C TRP A 253 9.73 -22.69 -3.22
N GLY A 254 8.85 -23.15 -2.34
CA GLY A 254 9.25 -23.38 -0.97
C GLY A 254 9.43 -22.12 -0.16
N ARG A 255 8.79 -21.03 -0.60
CA ARG A 255 8.91 -19.76 0.12
C ARG A 255 8.37 -19.86 1.53
N PHE A 256 7.28 -20.62 1.71
CA PHE A 256 6.75 -20.92 3.03
C PHE A 256 6.48 -22.42 3.11
N TRP A 257 6.71 -22.99 4.29
CA TRP A 257 6.41 -24.40 4.55
C TRP A 257 5.05 -24.58 5.23
N THR A 258 4.13 -23.63 5.00
CA THR A 258 2.87 -23.62 5.74
C THR A 258 1.99 -24.80 5.37
N ASN A 259 1.96 -25.17 4.10
CA ASN A 259 1.10 -26.26 3.66
C ASN A 259 1.65 -27.64 4.01
N LEU A 260 2.87 -27.71 4.55
CA LEU A 260 3.41 -28.95 5.09
C LEU A 260 2.85 -29.29 6.45
N TYR A 261 1.99 -28.43 7.02
CA TYR A 261 1.51 -28.65 8.37
C TYR A 261 0.77 -29.97 8.50
N SER A 262 -0.09 -30.28 7.52
CA SER A 262 -0.90 -31.51 7.57
C SER A 262 -0.04 -32.75 7.72
N LEU A 263 1.23 -32.70 7.34
CA LEU A 263 2.12 -33.85 7.46
C LEU A 263 3.04 -33.77 8.68
N THR A 264 3.12 -32.63 9.34
CA THR A 264 4.10 -32.42 10.39
C THR A 264 3.49 -32.01 11.73
N VAL A 265 2.17 -32.08 11.89
CA VAL A 265 1.60 -31.69 13.19
C VAL A 265 2.21 -32.55 14.28
N PRO A 266 2.78 -31.96 15.34
CA PRO A 266 3.30 -32.78 16.43
C PRO A 266 2.23 -33.64 17.07
N PHE A 267 1.11 -33.03 17.43
CA PHE A 267 -0.05 -33.70 17.99
C PHE A 267 -1.22 -33.37 17.07
N GLY A 268 -1.42 -34.22 16.07
CA GLY A 268 -2.33 -33.91 14.99
C GLY A 268 -3.75 -34.40 15.18
N GLN A 269 -3.89 -35.63 15.65
CA GLN A 269 -5.21 -36.22 15.79
C GLN A 269 -5.98 -35.58 16.94
N LYS A 270 -5.43 -35.65 18.16
CA LYS A 270 -6.21 -35.33 19.35
C LYS A 270 -6.50 -33.83 19.48
N PRO A 271 -5.52 -32.93 19.42
CA PRO A 271 -5.88 -31.50 19.40
C PRO A 271 -6.64 -31.16 18.13
N ASN A 272 -7.66 -30.33 18.28
CA ASN A 272 -8.43 -29.89 17.12
C ASN A 272 -7.53 -29.13 16.16
N ILE A 273 -7.82 -29.26 14.87
CA ILE A 273 -7.01 -28.58 13.86
C ILE A 273 -7.20 -27.07 13.99
N ASP A 274 -6.22 -26.32 13.52
CA ASP A 274 -6.16 -24.88 13.63
C ASP A 274 -6.16 -24.24 12.25
N VAL A 275 -6.94 -24.78 11.32
CA VAL A 275 -6.75 -24.42 9.93
C VAL A 275 -8.09 -24.18 9.22
N THR A 276 -8.10 -24.35 7.88
CA THR A 276 -9.10 -23.77 7.00
C THR A 276 -10.49 -24.39 7.19
N ASP A 277 -10.55 -25.71 7.40
CA ASP A 277 -11.78 -26.49 7.24
C ASP A 277 -13.05 -25.81 7.77
N ALA A 278 -13.00 -25.21 8.95
CA ALA A 278 -14.18 -24.57 9.52
C ALA A 278 -14.63 -23.34 8.72
N MET A 279 -13.71 -22.68 8.01
CA MET A 279 -14.13 -21.58 7.12
C MET A 279 -15.05 -22.09 6.02
N VAL A 280 -14.65 -23.18 5.36
CA VAL A 280 -15.47 -23.76 4.29
C VAL A 280 -16.77 -24.31 4.86
N ASP A 281 -16.70 -24.95 6.04
CA ASP A 281 -17.90 -25.49 6.66
C ASP A 281 -18.91 -24.40 6.96
N GLN A 282 -18.44 -23.25 7.46
CA GLN A 282 -19.31 -22.12 7.75
C GLN A 282 -19.61 -21.28 6.51
N ALA A 283 -19.28 -21.79 5.33
CA ALA A 283 -19.58 -21.12 4.06
C ALA A 283 -19.03 -19.70 4.03
N TRP A 284 -17.76 -19.57 4.39
CA TRP A 284 -17.15 -18.25 4.42
C TRP A 284 -16.86 -17.75 3.01
N ASP A 285 -16.87 -16.43 2.86
CA ASP A 285 -16.78 -15.75 1.59
C ASP A 285 -15.51 -14.89 1.58
N ALA A 286 -15.07 -14.51 0.39
CA ALA A 286 -13.94 -13.59 0.28
C ALA A 286 -14.26 -12.26 0.94
N GLN A 287 -15.53 -11.88 0.94
CA GLN A 287 -15.94 -10.67 1.65
C GLN A 287 -15.86 -10.85 3.16
N ARG A 288 -16.31 -12.00 3.67
CA ARG A 288 -16.21 -12.29 5.10
C ARG A 288 -14.77 -12.21 5.58
N ILE A 289 -13.83 -12.70 4.76
CA ILE A 289 -12.42 -12.67 5.14
C ILE A 289 -11.97 -11.23 5.38
N PHE A 290 -12.24 -10.34 4.43
CA PHE A 290 -11.80 -8.96 4.56
C PHE A 290 -12.63 -8.19 5.59
N LYS A 291 -13.92 -8.52 5.72
CA LYS A 291 -14.72 -7.90 6.77
C LYS A 291 -14.22 -8.29 8.16
N GLU A 292 -13.74 -9.54 8.31
CA GLU A 292 -13.16 -9.94 9.57
C GLU A 292 -11.82 -9.26 9.81
N ALA A 293 -11.01 -9.12 8.76
CA ALA A 293 -9.75 -8.38 8.89
C ALA A 293 -10.01 -6.91 9.22
N GLU A 294 -10.97 -6.30 8.53
CA GLU A 294 -11.37 -4.93 8.86
C GLU A 294 -11.84 -4.81 10.29
N LYS A 295 -12.63 -5.78 10.76
CA LYS A 295 -13.09 -5.81 12.14
C LYS A 295 -11.92 -5.78 13.11
N PHE A 296 -10.84 -6.48 12.78
CA PHE A 296 -9.69 -6.55 13.68
C PHE A 296 -9.01 -5.19 13.81
N PHE A 297 -8.75 -4.52 12.69
CA PHE A 297 -8.09 -3.22 12.75
C PHE A 297 -8.93 -2.18 13.48
N VAL A 298 -10.26 -2.25 13.31
CA VAL A 298 -11.14 -1.32 13.99
C VAL A 298 -11.10 -1.54 15.50
N SER A 299 -10.92 -2.79 15.93
CA SER A 299 -10.94 -3.11 17.36
C SER A 299 -9.77 -2.53 18.13
N VAL A 300 -8.76 -1.99 17.45
CA VAL A 300 -7.66 -1.29 18.10
C VAL A 300 -7.69 0.20 17.84
N GLY A 301 -8.81 0.73 17.34
CA GLY A 301 -8.96 2.15 17.14
C GLY A 301 -8.68 2.65 15.73
N LEU A 302 -8.21 1.78 14.85
CA LEU A 302 -7.93 2.19 13.48
C LEU A 302 -9.23 2.29 12.68
N PRO A 303 -9.24 3.07 11.60
CA PRO A 303 -10.50 3.32 10.88
C PRO A 303 -10.95 2.09 10.10
N ASN A 304 -12.19 2.18 9.62
CA ASN A 304 -12.72 1.22 8.67
C ASN A 304 -12.05 1.40 7.32
N MET A 305 -12.31 0.45 6.41
CA MET A 305 -11.94 0.67 5.02
C MET A 305 -12.89 1.67 4.38
N THR A 306 -12.37 2.44 3.44
CA THR A 306 -13.19 3.44 2.78
C THR A 306 -14.29 2.77 1.95
N GLN A 307 -15.33 3.55 1.65
CA GLN A 307 -16.36 3.08 0.73
C GLN A 307 -15.76 2.75 -0.63
N GLY A 308 -14.83 3.59 -1.10
CA GLY A 308 -14.18 3.32 -2.36
C GLY A 308 -13.37 2.04 -2.36
N PHE A 309 -12.86 1.63 -1.20
CA PHE A 309 -12.10 0.39 -1.13
C PHE A 309 -12.94 -0.80 -1.55
N TRP A 310 -14.19 -0.86 -1.09
CA TRP A 310 -15.02 -2.00 -1.44
C TRP A 310 -15.50 -1.93 -2.89
N GLU A 311 -15.69 -0.71 -3.41
CA GLU A 311 -16.18 -0.57 -4.78
C GLU A 311 -15.07 -0.81 -5.79
N ASN A 312 -13.83 -0.48 -5.44
CA ASN A 312 -12.75 -0.42 -6.43
C ASN A 312 -11.75 -1.56 -6.34
N SER A 313 -11.74 -2.33 -5.26
CA SER A 313 -10.77 -3.41 -5.15
C SER A 313 -11.18 -4.59 -6.03
N MET A 314 -10.19 -5.44 -6.31
CA MET A 314 -10.42 -6.73 -6.95
C MET A 314 -10.00 -7.80 -5.95
N LEU A 315 -10.97 -8.34 -5.22
CA LEU A 315 -10.71 -9.25 -4.12
C LEU A 315 -11.00 -10.70 -4.47
N THR A 316 -11.38 -10.99 -5.71
CA THR A 316 -11.50 -12.35 -6.21
C THR A 316 -10.97 -12.41 -7.63
N ASP A 317 -10.63 -13.63 -8.06
CA ASP A 317 -10.20 -13.84 -9.43
C ASP A 317 -11.28 -13.37 -10.39
N PRO A 318 -10.98 -12.47 -11.32
CA PRO A 318 -12.03 -11.94 -12.20
C PRO A 318 -12.54 -12.95 -13.21
N GLY A 319 -11.83 -14.04 -13.43
CA GLY A 319 -12.22 -15.03 -14.41
C GLY A 319 -11.44 -14.91 -15.70
N ASN A 320 -12.03 -15.48 -16.75
CA ASN A 320 -11.40 -15.51 -18.07
C ASN A 320 -11.76 -14.30 -18.93
N VAL A 321 -12.49 -13.33 -18.39
CA VAL A 321 -12.82 -12.15 -19.16
C VAL A 321 -11.62 -11.21 -19.27
N GLN A 322 -10.82 -11.16 -18.21
CA GLN A 322 -9.58 -10.38 -18.21
C GLN A 322 -8.48 -11.23 -17.58
N LYS A 323 -7.23 -10.90 -17.94
CA LYS A 323 -6.06 -11.53 -17.38
C LYS A 323 -5.50 -10.62 -16.30
N ALA A 324 -5.48 -11.09 -15.06
CA ALA A 324 -5.09 -10.28 -13.93
C ALA A 324 -3.82 -10.81 -13.29
N VAL A 325 -3.08 -9.92 -12.65
CA VAL A 325 -1.93 -10.29 -11.84
C VAL A 325 -2.47 -10.64 -10.45
N CYS A 326 -2.61 -11.93 -10.18
CA CYS A 326 -3.34 -12.41 -9.01
C CYS A 326 -2.56 -12.31 -7.70
N HIS A 327 -1.25 -12.03 -7.74
CA HIS A 327 -0.49 -12.01 -6.51
C HIS A 327 -0.99 -10.88 -5.61
N PRO A 328 -1.15 -11.13 -4.31
CA PRO A 328 -1.76 -10.11 -3.44
C PRO A 328 -0.87 -8.88 -3.31
N THR A 329 -1.44 -7.72 -3.63
CA THR A 329 -0.75 -6.44 -3.50
C THR A 329 -1.73 -5.41 -2.96
N ALA A 330 -1.18 -4.36 -2.35
CA ALA A 330 -1.97 -3.26 -1.82
C ALA A 330 -1.56 -1.97 -2.51
N TRP A 331 -2.56 -1.13 -2.82
CA TRP A 331 -2.37 0.00 -3.72
C TRP A 331 -2.79 1.29 -3.05
N ASP A 332 -1.92 2.29 -3.10
CA ASP A 332 -2.18 3.65 -2.62
C ASP A 332 -2.01 4.57 -3.82
N LEU A 333 -3.11 4.86 -4.50
CA LEU A 333 -3.05 5.69 -5.71
C LEU A 333 -3.01 7.18 -5.39
N GLY A 334 -3.27 7.56 -4.14
CA GLY A 334 -3.45 8.94 -3.78
C GLY A 334 -4.90 9.36 -3.90
N LYS A 335 -5.15 10.62 -3.55
CA LYS A 335 -6.49 11.21 -3.61
C LYS A 335 -7.53 10.40 -2.83
N GLY A 336 -7.08 9.70 -1.79
CA GLY A 336 -7.99 8.90 -0.98
C GLY A 336 -8.45 7.63 -1.63
N ASP A 337 -7.72 7.13 -2.63
CA ASP A 337 -8.08 5.92 -3.36
C ASP A 337 -7.18 4.79 -2.89
N PHE A 338 -7.75 3.83 -2.18
CA PHE A 338 -7.02 2.68 -1.65
C PHE A 338 -7.66 1.40 -2.15
N ARG A 339 -6.84 0.48 -2.66
CA ARG A 339 -7.32 -0.76 -3.23
C ARG A 339 -6.37 -1.91 -2.90
N ILE A 340 -6.93 -3.10 -2.77
CA ILE A 340 -6.18 -4.35 -2.68
C ILE A 340 -6.51 -5.19 -3.93
N LEU A 341 -5.48 -5.79 -4.51
CA LEU A 341 -5.63 -6.72 -5.61
C LEU A 341 -5.22 -8.10 -5.12
N MET A 342 -6.16 -9.05 -5.13
CA MET A 342 -5.92 -10.35 -4.54
C MET A 342 -6.96 -11.33 -5.07
N CYS A 343 -6.51 -12.52 -5.47
CA CYS A 343 -7.41 -13.57 -5.96
C CYS A 343 -7.68 -14.52 -4.79
N THR A 344 -8.57 -14.08 -3.91
CA THR A 344 -8.72 -14.67 -2.59
C THR A 344 -9.45 -16.00 -2.67
N LYS A 345 -8.82 -17.06 -2.19
CA LYS A 345 -9.47 -18.34 -1.95
C LYS A 345 -9.91 -18.41 -0.48
N VAL A 346 -10.70 -19.43 -0.16
CA VAL A 346 -11.19 -19.59 1.20
C VAL A 346 -10.25 -20.51 1.96
N THR A 347 -9.08 -19.99 2.33
CA THR A 347 -8.09 -20.72 3.10
C THR A 347 -7.65 -19.88 4.29
N MET A 348 -7.09 -20.56 5.29
CA MET A 348 -6.47 -19.83 6.40
C MET A 348 -5.24 -19.07 5.92
N ASP A 349 -4.60 -19.56 4.86
CA ASP A 349 -3.52 -18.80 4.22
C ASP A 349 -4.03 -17.46 3.72
N ASP A 350 -5.13 -17.47 2.96
CA ASP A 350 -5.70 -16.23 2.46
C ASP A 350 -6.27 -15.37 3.58
N PHE A 351 -6.79 -16.00 4.64
CA PHE A 351 -7.32 -15.23 5.76
C PHE A 351 -6.25 -14.37 6.41
N LEU A 352 -5.06 -14.92 6.61
CA LEU A 352 -3.97 -14.17 7.21
C LEU A 352 -3.33 -13.19 6.22
N THR A 353 -3.31 -13.53 4.93
CA THR A 353 -2.79 -12.60 3.94
C THR A 353 -3.68 -11.37 3.81
N ALA A 354 -5.00 -11.54 4.00
CA ALA A 354 -5.88 -10.38 4.04
C ALA A 354 -5.45 -9.39 5.12
N HIS A 355 -5.08 -9.90 6.29
CA HIS A 355 -4.57 -9.03 7.35
C HIS A 355 -3.25 -8.38 6.93
N HIS A 356 -2.41 -9.12 6.20
CA HIS A 356 -1.15 -8.55 5.73
C HIS A 356 -1.39 -7.38 4.79
N GLU A 357 -2.21 -7.58 3.76
CA GLU A 357 -2.42 -6.55 2.75
C GLU A 357 -3.18 -5.37 3.32
N MET A 358 -4.18 -5.62 4.17
CA MET A 358 -4.87 -4.52 4.84
C MET A 358 -3.93 -3.75 5.75
N GLY A 359 -2.90 -4.40 6.27
CA GLY A 359 -1.88 -3.70 7.03
C GLY A 359 -1.17 -2.65 6.19
N HIS A 360 -0.85 -2.99 4.94
CA HIS A 360 -0.31 -2.01 4.01
C HIS A 360 -1.26 -0.82 3.90
N ILE A 361 -2.53 -1.09 3.63
CA ILE A 361 -3.50 -0.02 3.39
C ILE A 361 -3.66 0.86 4.62
N GLN A 362 -3.73 0.23 5.80
CA GLN A 362 -3.85 1.01 7.04
C GLN A 362 -2.64 1.92 7.23
N TYR A 363 -1.45 1.44 6.87
CA TYR A 363 -0.26 2.28 6.88
C TYR A 363 -0.40 3.43 5.90
N ASP A 364 -0.85 3.13 4.67
CA ASP A 364 -1.05 4.17 3.67
C ASP A 364 -2.02 5.24 4.15
N MET A 365 -3.12 4.82 4.77
CA MET A 365 -4.12 5.78 5.24
C MET A 365 -3.58 6.60 6.41
N ALA A 366 -2.76 6.00 7.26
CA ALA A 366 -2.25 6.71 8.44
C ALA A 366 -1.34 7.86 8.04
N TYR A 367 -0.41 7.62 7.12
CA TYR A 367 0.52 8.67 6.70
C TYR A 367 0.03 9.46 5.50
N ALA A 368 -1.25 9.33 5.13
CA ALA A 368 -1.81 10.21 4.12
C ALA A 368 -1.81 11.67 4.59
N ALA A 369 -1.66 11.90 5.90
CA ALA A 369 -1.62 13.25 6.44
C ALA A 369 -0.30 13.96 6.17
N GLN A 370 0.73 13.23 5.74
CA GLN A 370 2.03 13.82 5.49
C GLN A 370 2.03 14.63 4.20
N PRO A 371 3.00 15.52 4.01
CA PRO A 371 3.24 16.08 2.69
C PRO A 371 3.51 14.97 1.68
N PHE A 372 3.21 15.25 0.41
CA PHE A 372 3.23 14.21 -0.61
C PHE A 372 4.57 13.48 -0.64
N LEU A 373 5.67 14.22 -0.63
CA LEU A 373 6.99 13.63 -0.78
C LEU A 373 7.40 12.73 0.39
N LEU A 374 6.67 12.77 1.50
CA LEU A 374 7.01 11.98 2.68
C LEU A 374 6.04 10.82 2.91
N ARG A 375 5.16 10.54 1.95
CA ARG A 375 4.17 9.46 2.09
C ARG A 375 4.79 8.14 1.65
N ASN A 376 5.39 7.45 2.61
CA ASN A 376 5.95 6.11 2.40
C ASN A 376 6.22 5.52 3.77
N GLY A 377 6.50 4.22 3.79
CA GLY A 377 6.90 3.58 5.03
C GLY A 377 8.29 4.00 5.46
N ALA A 378 8.56 3.89 6.77
CA ALA A 378 9.87 4.22 7.29
C ALA A 378 10.96 3.52 6.49
N ASN A 379 10.76 2.22 6.21
CA ASN A 379 11.47 1.52 5.16
C ASN A 379 10.56 0.42 4.65
N GLU A 380 11.05 -0.32 3.65
CA GLU A 380 10.25 -1.41 3.09
C GLU A 380 9.92 -2.47 4.14
N GLY A 381 10.81 -2.66 5.11
CA GLY A 381 10.55 -3.64 6.15
C GLY A 381 9.39 -3.24 7.05
N PHE A 382 9.31 -1.96 7.41
CA PHE A 382 8.18 -1.47 8.18
C PHE A 382 6.85 -1.75 7.46
N HIS A 383 6.79 -1.40 6.17
CA HIS A 383 5.55 -1.54 5.43
C HIS A 383 5.09 -2.99 5.35
N GLU A 384 6.02 -3.91 5.11
CA GLU A 384 5.69 -5.33 5.00
C GLU A 384 5.55 -6.02 6.35
N ALA A 385 5.59 -5.28 7.46
CA ALA A 385 5.48 -5.87 8.79
C ALA A 385 4.20 -5.48 9.54
N VAL A 386 3.53 -4.41 9.13
CA VAL A 386 2.36 -3.93 9.87
C VAL A 386 1.27 -4.99 9.89
N GLY A 387 0.91 -5.51 8.72
CA GLY A 387 -0.08 -6.57 8.66
C GLY A 387 0.34 -7.85 9.35
N GLU A 388 1.65 -8.05 9.54
CA GLU A 388 2.14 -9.28 10.15
C GLU A 388 2.00 -9.27 11.67
N ILE A 389 2.13 -8.10 12.31
CA ILE A 389 1.93 -8.06 13.75
C ILE A 389 0.46 -8.23 14.11
N MET A 390 -0.44 -7.97 13.17
CA MET A 390 -1.84 -8.32 13.37
C MET A 390 -2.08 -9.80 13.07
N SER A 391 -1.41 -10.31 12.03
CA SER A 391 -1.50 -11.73 11.72
C SER A 391 -1.01 -12.58 12.89
N LEU A 392 0.01 -12.11 13.61
CA LEU A 392 0.45 -12.81 14.82
C LEU A 392 -0.69 -12.95 15.81
N SER A 393 -1.46 -11.89 16.02
CA SER A 393 -2.57 -11.95 16.97
C SER A 393 -3.75 -12.72 16.40
N ALA A 394 -4.05 -12.54 15.12
CA ALA A 394 -5.22 -13.20 14.53
C ALA A 394 -5.02 -14.71 14.40
N ALA A 395 -3.77 -15.16 14.30
CA ALA A 395 -3.49 -16.58 14.14
C ALA A 395 -3.60 -17.35 15.45
N THR A 396 -3.53 -16.67 16.59
CA THR A 396 -3.56 -17.35 17.86
C THR A 396 -4.92 -18.01 18.10
N PRO A 397 -4.93 -19.17 18.77
CA PRO A 397 -6.22 -19.86 19.01
C PRO A 397 -7.19 -19.06 19.85
N LYS A 398 -6.70 -18.20 20.74
CA LYS A 398 -7.58 -17.34 21.52
C LYS A 398 -8.48 -16.53 20.60
N HIS A 399 -7.91 -15.96 19.54
CA HIS A 399 -8.68 -15.12 18.63
C HIS A 399 -9.60 -15.96 17.74
N LEU A 400 -9.09 -17.08 17.23
CA LEU A 400 -9.91 -17.95 16.38
C LEU A 400 -11.10 -18.50 17.14
N LYS A 401 -10.95 -18.72 18.45
CA LYS A 401 -12.07 -19.14 19.26
C LYS A 401 -13.10 -18.03 19.42
N SER A 402 -12.66 -16.77 19.46
CA SER A 402 -13.57 -15.65 19.66
C SER A 402 -14.25 -15.20 18.38
N ILE A 403 -13.74 -15.59 17.21
CA ILE A 403 -14.38 -15.25 15.95
C ILE A 403 -15.13 -16.44 15.35
N GLY A 404 -15.20 -17.55 16.07
CA GLY A 404 -16.09 -18.65 15.71
C GLY A 404 -15.50 -19.74 14.85
N LEU A 405 -14.19 -19.73 14.59
CA LEU A 405 -13.58 -20.76 13.78
C LEU A 405 -13.03 -21.92 14.59
N LEU A 406 -13.01 -21.81 15.92
CA LEU A 406 -12.71 -22.93 16.81
C LEU A 406 -13.90 -23.15 17.73
N SER A 407 -13.93 -24.33 18.36
CA SER A 407 -15.06 -24.70 19.20
C SER A 407 -15.27 -23.64 20.28
N PRO A 408 -16.53 -23.35 20.64
CA PRO A 408 -16.77 -22.33 21.67
C PRO A 408 -16.20 -22.70 23.03
N ASP A 409 -15.84 -23.97 23.23
CA ASP A 409 -15.14 -24.44 24.41
C ASP A 409 -13.87 -25.14 23.92
N PHE A 410 -12.79 -24.38 23.77
CA PHE A 410 -11.54 -24.93 23.26
C PHE A 410 -10.61 -25.25 24.42
N GLN A 411 -10.04 -26.46 24.40
CA GLN A 411 -9.08 -26.89 25.42
C GLN A 411 -7.69 -26.49 24.96
N GLU A 412 -7.14 -25.44 25.57
CA GLU A 412 -5.81 -24.93 25.23
C GLU A 412 -4.79 -25.54 26.18
N ASP A 413 -4.47 -26.82 25.95
CA ASP A 413 -3.52 -27.53 26.78
C ASP A 413 -2.10 -27.32 26.29
N ASN A 414 -1.15 -27.94 26.99
CA ASN A 414 0.26 -27.90 26.59
C ASN A 414 0.44 -28.28 25.12
N GLU A 415 -0.37 -29.24 24.65
CA GLU A 415 -0.14 -29.85 23.35
C GLU A 415 -0.58 -28.93 22.21
N THR A 416 -1.76 -28.31 22.33
CA THR A 416 -2.25 -27.44 21.25
C THR A 416 -1.34 -26.25 21.04
N GLU A 417 -0.66 -25.79 22.08
CA GLU A 417 0.25 -24.66 21.92
C GLU A 417 1.49 -25.05 21.12
N ILE A 418 1.91 -26.31 21.17
CA ILE A 418 3.04 -26.73 20.35
C ILE A 418 2.61 -26.87 18.89
N ASN A 419 1.39 -27.34 18.65
CA ASN A 419 0.82 -27.32 17.31
C ASN A 419 0.86 -25.92 16.73
N PHE A 420 0.41 -24.94 17.52
CA PHE A 420 0.39 -23.55 17.06
C PHE A 420 1.81 -23.06 16.74
N LEU A 421 2.75 -23.32 17.65
CA LEU A 421 4.11 -22.81 17.47
C LEU A 421 4.79 -23.45 16.25
N LEU A 422 4.48 -24.71 15.96
CA LEU A 422 5.07 -25.36 14.79
C LEU A 422 4.56 -24.74 13.50
N LYS A 423 3.24 -24.61 13.35
CA LYS A 423 2.68 -23.98 12.16
C LYS A 423 3.18 -22.56 12.00
N GLN A 424 3.31 -21.83 13.12
CA GLN A 424 3.92 -20.50 13.07
C GLN A 424 5.36 -20.59 12.59
N ALA A 425 6.07 -21.66 12.96
CA ALA A 425 7.47 -21.80 12.53
C ALA A 425 7.57 -22.18 11.07
N LEU A 426 6.64 -23.02 10.58
CA LEU A 426 6.67 -23.41 9.18
C LEU A 426 6.59 -22.20 8.25
N THR A 427 5.81 -21.19 8.63
CA THR A 427 5.68 -19.99 7.83
C THR A 427 6.83 -19.01 8.11
N ILE A 428 6.94 -18.55 9.35
CA ILE A 428 7.81 -17.42 9.66
C ILE A 428 9.27 -17.85 9.63
N VAL A 429 9.61 -18.98 10.25
CA VAL A 429 11.00 -19.41 10.29
C VAL A 429 11.43 -20.00 8.96
N GLY A 430 10.53 -20.71 8.28
CA GLY A 430 10.89 -21.34 7.01
C GLY A 430 11.25 -20.36 5.91
N THR A 431 10.58 -19.19 5.89
CA THR A 431 10.83 -18.22 4.84
C THR A 431 12.12 -17.43 5.04
N LEU A 432 12.78 -17.57 6.18
CA LEU A 432 13.97 -16.74 6.43
C LEU A 432 15.18 -17.18 5.61
N PRO A 433 15.57 -18.46 5.60
CA PRO A 433 16.71 -18.82 4.71
C PRO A 433 16.38 -18.70 3.24
N PHE A 434 15.15 -19.04 2.85
CA PHE A 434 14.69 -18.81 1.49
C PHE A 434 14.89 -17.35 1.09
N THR A 435 14.47 -16.43 1.96
CA THR A 435 14.53 -15.00 1.65
C THR A 435 15.97 -14.52 1.56
N TYR A 436 16.77 -14.79 2.60
CA TYR A 436 18.15 -14.30 2.63
C TYR A 436 18.94 -14.79 1.42
N MET A 437 18.82 -16.07 1.09
CA MET A 437 19.58 -16.62 -0.04
C MET A 437 19.16 -15.98 -1.35
N LEU A 438 17.86 -15.89 -1.61
CA LEU A 438 17.39 -15.35 -2.88
C LEU A 438 17.90 -13.94 -3.10
N GLU A 439 17.80 -13.09 -2.08
CA GLU A 439 18.26 -11.71 -2.23
C GLU A 439 19.77 -11.63 -2.33
N LYS A 440 20.48 -12.49 -1.59
CA LYS A 440 21.94 -12.50 -1.69
C LYS A 440 22.40 -12.92 -3.07
N TRP A 441 21.70 -13.87 -3.69
CA TRP A 441 22.01 -14.25 -5.06
C TRP A 441 21.77 -13.08 -6.01
N ARG A 442 20.67 -12.34 -5.82
CA ARG A 442 20.41 -11.17 -6.65
C ARG A 442 21.49 -10.12 -6.46
N TRP A 443 21.82 -9.80 -5.20
CA TRP A 443 22.91 -8.89 -4.92
C TRP A 443 24.20 -9.37 -5.58
N MET A 444 24.50 -10.66 -5.45
CA MET A 444 25.69 -11.22 -6.06
C MET A 444 25.61 -11.25 -7.58
N VAL A 445 24.39 -11.30 -8.14
CA VAL A 445 24.25 -11.22 -9.58
C VAL A 445 24.25 -9.76 -10.04
N PHE A 446 23.56 -8.88 -9.31
CA PHE A 446 23.63 -7.46 -9.60
C PHE A 446 25.07 -6.96 -9.53
N LYS A 447 25.76 -7.27 -8.45
CA LYS A 447 27.20 -7.07 -8.40
C LYS A 447 27.87 -8.05 -9.36
N GLY A 448 29.09 -7.70 -9.78
CA GLY A 448 29.80 -8.55 -10.71
C GLY A 448 30.44 -9.77 -10.05
N GLU A 449 29.61 -10.70 -9.58
CA GLU A 449 30.11 -11.87 -8.88
C GLU A 449 29.66 -13.20 -9.46
N ILE A 450 28.58 -13.22 -10.24
CA ILE A 450 28.06 -14.46 -10.80
C ILE A 450 27.94 -14.30 -12.31
N PRO A 451 28.82 -14.91 -13.11
CA PRO A 451 28.81 -14.66 -14.56
C PRO A 451 27.62 -15.32 -15.24
N LYS A 452 27.39 -14.91 -16.50
CA LYS A 452 26.28 -15.44 -17.29
C LYS A 452 26.32 -16.96 -17.39
N ASP A 453 27.50 -17.52 -17.69
CA ASP A 453 27.63 -18.96 -17.97
C ASP A 453 27.35 -19.83 -16.75
N GLN A 454 27.42 -19.28 -15.55
CA GLN A 454 27.02 -19.99 -14.33
C GLN A 454 26.11 -19.06 -13.51
N TRP A 455 24.87 -18.90 -13.97
CA TRP A 455 23.82 -18.27 -13.18
C TRP A 455 23.03 -19.27 -12.35
N MET A 456 22.85 -20.50 -12.83
CA MET A 456 22.10 -21.54 -12.13
C MET A 456 22.99 -22.53 -11.38
N LYS A 457 24.27 -22.63 -11.75
CA LYS A 457 25.20 -23.43 -10.95
C LYS A 457 25.38 -22.85 -9.56
N LYS A 458 25.33 -21.52 -9.44
CA LYS A 458 25.49 -20.86 -8.15
C LYS A 458 24.16 -20.73 -7.41
N TRP A 459 23.04 -20.57 -8.13
CA TRP A 459 21.75 -20.47 -7.46
C TRP A 459 21.43 -21.74 -6.69
N TRP A 460 21.76 -22.90 -7.24
CA TRP A 460 21.53 -24.15 -6.55
C TRP A 460 22.67 -24.53 -5.62
N GLU A 461 23.89 -24.04 -5.90
CA GLU A 461 24.96 -24.15 -4.92
C GLU A 461 24.59 -23.42 -3.63
N MET A 462 23.84 -22.32 -3.75
CA MET A 462 23.40 -21.56 -2.58
C MET A 462 22.10 -22.09 -1.99
N LYS A 463 21.28 -22.81 -2.76
CA LYS A 463 20.09 -23.44 -2.20
C LYS A 463 20.48 -24.59 -1.28
N ARG A 464 21.36 -25.48 -1.75
CA ARG A 464 21.79 -26.61 -0.94
C ARG A 464 22.61 -26.14 0.27
N GLU A 465 23.46 -25.14 0.08
CA GLU A 465 24.36 -24.69 1.14
C GLU A 465 23.59 -23.98 2.25
N ILE A 466 22.83 -22.95 1.89
CA ILE A 466 22.21 -22.07 2.87
C ILE A 466 20.83 -22.56 3.28
N VAL A 467 20.02 -22.99 2.32
CA VAL A 467 18.62 -23.34 2.61
C VAL A 467 18.45 -24.81 2.99
N GLY A 468 19.28 -25.70 2.47
CA GLY A 468 19.08 -27.12 2.69
C GLY A 468 18.08 -27.73 1.75
N VAL A 469 18.04 -27.27 0.51
CA VAL A 469 17.04 -27.67 -0.48
C VAL A 469 17.76 -27.93 -1.80
N VAL A 470 17.39 -29.02 -2.47
CA VAL A 470 18.13 -29.51 -3.62
C VAL A 470 17.22 -29.62 -4.83
N GLU A 471 17.79 -29.38 -6.00
CA GLU A 471 17.09 -29.52 -7.28
C GLU A 471 16.77 -30.98 -7.57
N PRO A 472 15.51 -31.34 -7.83
CA PRO A 472 15.22 -32.73 -8.22
C PRO A 472 15.65 -33.05 -9.64
N VAL A 473 15.75 -32.07 -10.51
CA VAL A 473 16.19 -32.25 -11.90
C VAL A 473 17.35 -31.32 -12.15
N PRO A 474 18.43 -31.77 -12.81
CA PRO A 474 19.54 -30.85 -13.13
C PRO A 474 19.09 -29.79 -14.13
N HIS A 475 19.42 -28.53 -13.83
CA HIS A 475 19.03 -27.39 -14.66
C HIS A 475 20.29 -26.72 -15.21
N ASP A 476 20.36 -26.62 -16.53
CA ASP A 476 21.45 -25.92 -17.18
C ASP A 476 21.12 -24.42 -17.23
N GLU A 477 21.96 -23.64 -17.89
CA GLU A 477 21.85 -22.19 -17.82
C GLU A 477 20.81 -21.62 -18.75
N THR A 478 20.09 -22.47 -19.48
CA THR A 478 18.92 -21.97 -20.18
C THR A 478 17.80 -21.63 -19.20
N TYR A 479 17.83 -22.23 -18.01
CA TYR A 479 16.82 -22.00 -16.99
C TYR A 479 17.05 -20.68 -16.27
N CYS A 480 15.97 -20.08 -15.81
CA CYS A 480 16.02 -18.97 -14.86
C CYS A 480 14.96 -19.28 -13.81
N ASP A 481 15.38 -19.90 -12.72
CA ASP A 481 14.47 -20.37 -11.68
C ASP A 481 14.09 -19.29 -10.67
N PRO A 482 15.01 -18.41 -10.23
CA PRO A 482 14.56 -17.29 -9.39
C PRO A 482 13.49 -16.43 -10.04
N ALA A 483 13.57 -16.22 -11.36
CA ALA A 483 12.58 -15.42 -12.06
C ALA A 483 11.22 -16.10 -12.14
N SER A 484 11.11 -17.36 -11.74
CA SER A 484 9.80 -18.01 -11.67
C SER A 484 9.02 -17.60 -10.41
N LEU A 485 9.59 -16.75 -9.58
CA LEU A 485 8.91 -16.19 -8.43
C LEU A 485 8.36 -14.81 -8.80
N PHE A 486 7.20 -14.47 -8.24
CA PHE A 486 6.54 -13.20 -8.55
C PHE A 486 7.48 -12.02 -8.34
N HIS A 487 8.10 -11.95 -7.16
CA HIS A 487 8.86 -10.76 -6.78
C HIS A 487 10.10 -10.57 -7.64
N VAL A 488 10.66 -11.64 -8.19
CA VAL A 488 11.87 -11.52 -8.99
C VAL A 488 11.54 -11.05 -10.40
N SER A 489 10.51 -11.63 -11.02
CA SER A 489 10.14 -11.24 -12.38
C SER A 489 9.32 -9.96 -12.42
N ASN A 490 8.80 -9.49 -11.28
CA ASN A 490 8.03 -8.25 -11.22
C ASN A 490 8.81 -7.12 -10.57
N ASP A 491 10.14 -7.24 -10.50
CA ASP A 491 11.02 -6.13 -10.12
C ASP A 491 10.74 -5.64 -8.70
N TYR A 492 10.55 -6.59 -7.78
CA TYR A 492 10.34 -6.29 -6.36
C TYR A 492 11.60 -6.64 -5.58
N SER A 493 11.97 -5.78 -4.63
CA SER A 493 13.04 -6.13 -3.70
C SER A 493 12.53 -7.17 -2.71
N PHE A 494 13.39 -8.12 -2.35
CA PHE A 494 12.94 -9.26 -1.55
C PHE A 494 13.42 -9.24 -0.11
N ILE A 495 14.55 -8.57 0.19
CA ILE A 495 15.03 -8.50 1.56
C ILE A 495 14.05 -7.79 2.49
N ARG A 496 13.04 -7.11 1.92
CA ARG A 496 11.99 -6.51 2.73
C ARG A 496 11.31 -7.54 3.62
N TYR A 497 11.18 -8.78 3.16
CA TYR A 497 10.50 -9.80 3.92
C TYR A 497 11.37 -10.41 5.01
N TYR A 498 12.69 -10.21 4.94
CA TYR A 498 13.58 -10.65 6.00
C TYR A 498 13.59 -9.65 7.15
N THR A 499 13.85 -8.38 6.84
CA THR A 499 13.89 -7.35 7.87
C THR A 499 12.55 -7.17 8.57
N ARG A 500 11.45 -7.33 7.84
CA ARG A 500 10.13 -7.22 8.48
C ARG A 500 9.90 -8.33 9.47
N THR A 501 10.48 -9.52 9.23
CA THR A 501 10.23 -10.67 10.10
C THR A 501 10.89 -10.48 11.45
N LEU A 502 12.00 -9.76 11.51
CA LEU A 502 12.56 -9.35 12.80
C LEU A 502 11.78 -8.18 13.37
N TYR A 503 11.35 -7.24 12.52
CA TYR A 503 10.64 -6.06 12.97
C TYR A 503 9.33 -6.42 13.66
N GLN A 504 8.63 -7.44 13.16
CA GLN A 504 7.29 -7.71 13.65
C GLN A 504 7.31 -8.18 15.11
N PHE A 505 8.20 -9.12 15.43
CA PHE A 505 8.28 -9.59 16.81
C PHE A 505 8.81 -8.53 17.75
N GLN A 506 9.67 -7.64 17.26
CA GLN A 506 10.03 -6.45 18.03
C GLN A 506 8.80 -5.60 18.32
N PHE A 507 8.02 -5.30 17.29
CA PHE A 507 6.81 -4.49 17.46
C PHE A 507 5.79 -5.22 18.33
N GLN A 508 5.55 -6.51 18.04
CA GLN A 508 4.57 -7.27 18.80
C GLN A 508 4.92 -7.31 20.28
N GLU A 509 6.21 -7.42 20.60
CA GLU A 509 6.63 -7.41 21.99
C GLU A 509 6.25 -6.11 22.68
N ALA A 510 6.55 -4.98 22.02
CA ALA A 510 6.21 -3.69 22.61
C ALA A 510 4.70 -3.49 22.67
N LEU A 511 3.97 -3.98 21.68
CA LEU A 511 2.51 -3.81 21.68
C LEU A 511 1.83 -4.66 22.72
N CYS A 512 2.37 -5.86 23.01
CA CYS A 512 1.79 -6.69 24.05
C CYS A 512 2.10 -6.15 25.44
N GLN A 513 3.17 -5.36 25.59
CA GLN A 513 3.35 -4.60 26.82
C GLN A 513 2.33 -3.49 26.93
N ALA A 514 2.00 -2.85 25.80
CA ALA A 514 0.99 -1.80 25.81
C ALA A 514 -0.38 -2.35 26.19
N ALA A 515 -0.70 -3.56 25.73
CA ALA A 515 -1.96 -4.21 26.05
C ALA A 515 -1.92 -4.99 27.35
N LYS A 516 -0.78 -4.96 28.07
CA LYS A 516 -0.65 -5.60 29.38
C LYS A 516 -0.81 -7.12 29.31
N HIS A 517 -0.38 -7.72 28.21
CA HIS A 517 -0.37 -9.18 28.11
C HIS A 517 0.56 -9.77 29.15
N GLU A 518 0.20 -10.95 29.64
CA GLU A 518 0.82 -11.51 30.85
C GLU A 518 1.83 -12.62 30.57
N GLY A 519 1.52 -13.58 29.70
CA GLY A 519 2.36 -14.75 29.54
C GLY A 519 3.45 -14.57 28.50
N PRO A 520 3.86 -15.67 27.88
CA PRO A 520 4.80 -15.57 26.75
C PRO A 520 4.13 -14.89 25.57
N LEU A 521 4.98 -14.47 24.61
CA LEU A 521 4.48 -13.65 23.51
C LEU A 521 3.42 -14.36 22.67
N HIS A 522 3.52 -15.68 22.52
CA HIS A 522 2.67 -16.38 21.55
C HIS A 522 1.23 -16.56 22.02
N LYS A 523 0.93 -16.24 23.28
CA LYS A 523 -0.46 -16.22 23.74
C LYS A 523 -1.11 -14.84 23.62
N CYS A 524 -0.38 -13.86 23.11
CA CYS A 524 -0.83 -12.47 23.12
C CYS A 524 -1.77 -12.19 21.95
N ASP A 525 -2.86 -11.46 22.25
CA ASP A 525 -3.84 -11.04 21.25
C ASP A 525 -4.26 -9.62 21.60
N ILE A 526 -3.94 -8.67 20.71
CA ILE A 526 -4.11 -7.25 21.00
C ILE A 526 -5.46 -6.76 20.51
N SER A 527 -6.40 -7.68 20.28
CA SER A 527 -7.61 -7.39 19.53
C SER A 527 -8.31 -6.12 19.99
N ASN A 528 -8.76 -6.10 21.25
CA ASN A 528 -9.62 -5.03 21.74
C ASN A 528 -8.85 -3.93 22.48
N SER A 529 -7.54 -3.83 22.25
CA SER A 529 -6.69 -2.87 22.96
C SER A 529 -6.52 -1.61 22.11
N THR A 530 -7.32 -0.59 22.41
CA THR A 530 -7.19 0.69 21.73
C THR A 530 -5.90 1.41 22.12
N GLU A 531 -5.33 1.10 23.28
CA GLU A 531 -4.05 1.68 23.66
C GLU A 531 -2.92 1.11 22.83
N ALA A 532 -2.99 -0.19 22.51
CA ALA A 532 -1.96 -0.79 21.66
C ALA A 532 -2.02 -0.22 20.25
N GLY A 533 -3.21 -0.01 19.71
CA GLY A 533 -3.33 0.61 18.41
C GLY A 533 -2.81 2.04 18.39
N GLN A 534 -2.93 2.75 19.53
CA GLN A 534 -2.43 4.11 19.60
C GLN A 534 -0.92 4.17 19.43
N LYS A 535 -0.20 3.28 20.11
CA LYS A 535 1.25 3.24 19.96
C LYS A 535 1.64 2.92 18.53
N LEU A 536 0.92 1.98 17.89
CA LEU A 536 1.21 1.65 16.50
C LEU A 536 0.91 2.82 15.57
N PHE A 537 -0.24 3.47 15.77
CA PHE A 537 -0.67 4.53 14.86
C PHE A 537 0.26 5.74 14.92
N ASN A 538 0.79 6.05 16.11
CA ASN A 538 1.66 7.20 16.26
C ASN A 538 2.95 7.07 15.47
N MET A 539 3.31 5.85 15.07
CA MET A 539 4.42 5.61 14.15
C MET A 539 3.97 5.53 12.70
N LEU A 540 2.86 4.86 12.41
CA LEU A 540 2.35 4.80 11.04
C LEU A 540 2.10 6.18 10.47
N ARG A 541 1.55 7.09 11.28
CA ARG A 541 1.26 8.44 10.82
C ARG A 541 2.50 9.20 10.41
N LEU A 542 3.69 8.74 10.81
CA LEU A 542 4.92 9.49 10.57
C LEU A 542 5.40 9.37 9.12
N GLY A 543 5.19 8.24 8.49
CA GLY A 543 5.69 8.06 7.12
C GLY A 543 7.20 8.02 7.09
N LYS A 544 7.77 8.69 6.09
CA LYS A 544 9.23 8.84 5.97
C LYS A 544 9.73 10.12 6.59
N SER A 545 8.97 10.73 7.49
CA SER A 545 9.39 12.02 8.04
C SER A 545 10.46 11.87 9.11
N GLU A 546 10.51 10.72 9.77
CA GLU A 546 11.60 10.38 10.67
C GLU A 546 12.38 9.19 10.12
N PRO A 547 13.67 9.08 10.43
CA PRO A 547 14.40 7.87 10.05
C PRO A 547 13.84 6.64 10.75
N TRP A 548 13.97 5.48 10.09
CA TRP A 548 13.42 4.26 10.65
C TRP A 548 14.11 3.87 11.95
N THR A 549 15.38 4.26 12.11
CA THR A 549 16.08 3.97 13.36
C THR A 549 15.43 4.68 14.54
N LEU A 550 15.00 5.93 14.34
CA LEU A 550 14.36 6.67 15.43
C LEU A 550 12.92 6.22 15.64
N ALA A 551 12.17 6.03 14.54
CA ALA A 551 10.82 5.51 14.66
C ALA A 551 10.82 4.15 15.34
N LEU A 552 11.81 3.31 15.05
CA LEU A 552 11.92 2.01 15.71
C LEU A 552 12.30 2.17 17.17
N GLU A 553 13.26 3.06 17.46
CA GLU A 553 13.69 3.26 18.84
C GLU A 553 12.62 3.89 19.72
N ASN A 554 11.68 4.65 19.14
CA ASN A 554 10.62 5.29 19.90
C ASN A 554 9.43 4.37 20.17
N VAL A 555 9.45 3.13 19.65
CA VAL A 555 8.38 2.17 19.89
C VAL A 555 8.90 0.90 20.54
N VAL A 556 10.10 0.45 20.17
CA VAL A 556 10.65 -0.79 20.69
C VAL A 556 11.87 -0.56 21.58
N GLY A 557 12.52 0.59 21.49
CA GLY A 557 13.68 0.87 22.31
C GLY A 557 15.01 0.45 21.70
N ALA A 558 15.01 -0.02 20.46
CA ALA A 558 16.24 -0.44 19.78
C ALA A 558 16.34 0.31 18.46
N LYS A 559 17.47 0.96 18.24
CA LYS A 559 17.71 1.68 17.00
C LYS A 559 17.97 0.77 15.81
N ASN A 560 17.92 -0.54 15.99
CA ASN A 560 18.26 -1.48 14.93
C ASN A 560 17.35 -2.70 15.03
N MET A 561 17.32 -3.47 13.94
CA MET A 561 16.63 -4.76 13.96
C MET A 561 17.30 -5.70 14.95
N ASN A 562 16.52 -6.60 15.52
CA ASN A 562 17.06 -7.50 16.53
C ASN A 562 16.31 -8.82 16.49
N VAL A 563 17.02 -9.89 16.88
CA VAL A 563 16.50 -11.25 16.80
C VAL A 563 15.96 -11.75 18.14
N ARG A 564 16.23 -11.05 19.23
CA ARG A 564 15.81 -11.46 20.57
C ARG A 564 14.32 -11.79 20.64
N PRO A 565 13.41 -10.86 20.28
CA PRO A 565 11.98 -11.16 20.47
C PRO A 565 11.49 -12.29 19.60
N LEU A 566 12.02 -12.43 18.37
CA LEU A 566 11.66 -13.56 17.52
C LEU A 566 12.00 -14.88 18.18
N LEU A 567 13.14 -14.94 18.88
CA LEU A 567 13.57 -16.20 19.48
C LEU A 567 12.84 -16.47 20.80
N ASN A 568 12.48 -15.43 21.55
CA ASN A 568 11.66 -15.66 22.75
C ASN A 568 10.29 -16.21 22.37
N TYR A 569 9.74 -15.73 21.25
CA TYR A 569 8.43 -16.20 20.78
C TYR A 569 8.46 -17.71 20.51
N PHE A 570 9.57 -18.21 19.96
CA PHE A 570 9.68 -19.61 19.56
C PHE A 570 10.52 -20.44 20.53
N GLU A 571 10.77 -19.94 21.73
CA GLU A 571 11.56 -20.71 22.69
C GLU A 571 10.88 -22.01 23.09
N PRO A 572 9.58 -22.06 23.42
CA PRO A 572 8.98 -23.37 23.76
C PRO A 572 9.10 -24.38 22.64
N LEU A 573 9.05 -23.96 21.38
CA LEU A 573 9.27 -24.90 20.29
C LEU A 573 10.74 -25.23 20.12
N PHE A 574 11.63 -24.30 20.42
CA PHE A 574 13.06 -24.56 20.27
C PHE A 574 13.52 -25.68 21.19
N THR A 575 13.17 -25.60 22.47
CA THR A 575 13.51 -26.66 23.41
C THR A 575 12.69 -27.92 23.17
N TRP A 576 11.54 -27.82 22.50
CA TRP A 576 10.78 -29.01 22.17
C TRP A 576 11.37 -29.73 20.95
N LEU A 577 11.81 -28.97 19.94
CA LEU A 577 12.42 -29.58 18.77
C LEU A 577 13.71 -30.31 19.14
N LYS A 578 14.49 -29.74 20.07
CA LYS A 578 15.68 -30.43 20.56
C LYS A 578 15.34 -31.83 21.05
N ASP A 579 14.25 -31.95 21.81
CA ASP A 579 13.86 -33.23 22.37
C ASP A 579 13.44 -34.22 21.30
N GLN A 580 12.93 -33.73 20.17
CA GLN A 580 12.44 -34.63 19.13
C GLN A 580 13.55 -35.13 18.22
N ASN A 581 14.61 -34.35 18.03
CA ASN A 581 15.74 -34.74 17.20
C ASN A 581 16.82 -35.46 17.99
N LYS A 582 16.44 -36.26 18.99
CA LYS A 582 17.43 -36.94 19.82
C LYS A 582 18.17 -38.00 19.01
N ASN A 583 17.45 -38.88 18.33
CA ASN A 583 18.06 -39.87 17.46
C ASN A 583 17.96 -39.48 15.98
N SER A 584 17.92 -38.18 15.70
CA SER A 584 17.97 -37.66 14.35
C SER A 584 19.23 -36.80 14.19
N PHE A 585 19.51 -36.40 12.95
CA PHE A 585 20.65 -35.56 12.64
C PHE A 585 20.16 -34.16 12.29
N VAL A 586 20.81 -33.15 12.87
CA VAL A 586 20.47 -31.75 12.66
C VAL A 586 21.56 -31.15 11.77
N GLY A 587 21.20 -30.84 10.53
CA GLY A 587 22.12 -30.34 9.54
C GLY A 587 21.98 -31.11 8.25
N TRP A 588 22.89 -30.84 7.31
CA TRP A 588 22.83 -31.48 6.00
C TRP A 588 24.16 -31.27 5.29
N SER A 589 24.41 -32.12 4.29
CA SER A 589 25.56 -31.99 3.42
C SER A 589 25.08 -31.79 1.99
N THR A 590 25.86 -31.01 1.23
CA THR A 590 25.51 -30.65 -0.14
C THR A 590 25.71 -31.79 -1.12
N ASP A 591 26.37 -32.88 -0.71
CA ASP A 591 26.79 -33.95 -1.62
C ASP A 591 25.68 -34.95 -1.97
N TRP A 592 24.41 -34.61 -1.79
CA TRP A 592 23.33 -35.53 -2.12
C TRP A 592 22.29 -34.83 -2.97
N SER A 593 21.79 -35.55 -3.99
CA SER A 593 20.81 -35.01 -4.92
C SER A 593 20.11 -36.16 -5.61
N PRO A 594 18.79 -36.08 -5.86
CA PRO A 594 18.12 -37.12 -6.63
C PRO A 594 18.73 -37.30 -8.02
N TYR A 595 18.70 -36.25 -8.82
CA TYR A 595 19.35 -36.25 -10.13
C TYR A 595 20.01 -34.91 -10.40
N PHE B 8 -48.61 47.37 -15.07
CA PHE B 8 -48.03 46.14 -14.57
C PHE B 8 -48.77 45.67 -13.31
N PRO B 9 -49.09 44.39 -13.23
CA PRO B 9 -49.98 43.90 -12.19
C PRO B 9 -49.27 43.48 -10.90
N ASN B 10 -50.06 43.42 -9.83
CA ASN B 10 -49.59 42.96 -8.52
C ASN B 10 -49.74 41.45 -8.46
N ILE B 11 -48.68 40.74 -8.85
CA ILE B 11 -48.65 39.29 -8.76
C ILE B 11 -47.28 38.86 -8.24
N THR B 12 -47.28 37.90 -7.31
CA THR B 12 -46.06 37.50 -6.63
C THR B 12 -45.42 36.30 -7.34
N ASN B 13 -44.10 36.37 -7.49
CA ASN B 13 -43.35 35.28 -8.08
C ASN B 13 -43.02 34.22 -7.03
N LEU B 14 -42.68 33.03 -7.52
CA LEU B 14 -42.18 31.95 -6.69
C LEU B 14 -40.66 31.95 -6.77
N CYS B 15 -39.99 32.00 -5.62
CA CYS B 15 -38.57 32.30 -5.58
C CYS B 15 -37.77 31.28 -6.42
N PRO B 16 -36.87 31.74 -7.30
CA PRO B 16 -36.16 30.84 -8.22
C PRO B 16 -35.01 30.10 -7.56
N PHE B 17 -35.33 29.30 -6.54
CA PHE B 17 -34.32 28.46 -5.91
C PHE B 17 -33.91 27.29 -6.78
N ASP B 18 -34.77 26.87 -7.73
CA ASP B 18 -34.40 25.79 -8.63
C ASP B 18 -33.30 26.20 -9.59
N GLU B 19 -33.22 27.49 -9.91
CA GLU B 19 -32.18 27.97 -10.82
C GLU B 19 -30.79 27.79 -10.22
N VAL B 20 -30.68 27.84 -8.91
CA VAL B 20 -29.37 27.75 -8.25
C VAL B 20 -29.06 26.33 -7.81
N PHE B 21 -29.96 25.71 -7.05
CA PHE B 21 -29.70 24.38 -6.50
C PHE B 21 -29.65 23.31 -7.59
N ASN B 22 -30.32 23.54 -8.71
CA ASN B 22 -30.44 22.52 -9.76
C ASN B 22 -29.73 22.94 -11.05
N ALA B 23 -28.81 23.90 -10.97
CA ALA B 23 -28.00 24.22 -12.14
C ALA B 23 -27.22 22.99 -12.59
N THR B 24 -27.18 22.76 -13.90
CA THR B 24 -26.46 21.61 -14.41
C THR B 24 -24.95 21.78 -14.31
N THR B 25 -24.47 23.02 -14.17
CA THR B 25 -23.05 23.27 -13.96
C THR B 25 -22.90 24.39 -12.93
N PHE B 26 -22.13 24.11 -11.89
CA PHE B 26 -21.80 25.10 -10.88
C PHE B 26 -20.53 25.86 -11.27
N ALA B 27 -20.30 26.97 -10.60
CA ALA B 27 -19.13 27.80 -10.88
C ALA B 27 -17.91 27.30 -10.10
N SER B 28 -16.74 27.67 -10.59
CA SER B 28 -15.53 27.47 -9.81
C SER B 28 -15.56 28.37 -8.59
N VAL B 29 -14.95 27.90 -7.50
CA VAL B 29 -15.08 28.63 -6.23
C VAL B 29 -14.38 29.98 -6.30
N TYR B 30 -13.33 30.11 -7.12
CA TYR B 30 -12.66 31.40 -7.24
C TYR B 30 -13.57 32.43 -7.91
N ALA B 31 -14.40 32.01 -8.86
CA ALA B 31 -15.41 32.85 -9.52
C ALA B 31 -16.79 32.32 -9.16
N TRP B 32 -17.24 32.59 -7.94
CA TRP B 32 -18.48 32.03 -7.44
C TRP B 32 -19.69 32.84 -7.91
N ASN B 33 -20.76 32.13 -8.26
CA ASN B 33 -21.99 32.77 -8.69
C ASN B 33 -22.75 33.35 -7.50
N ARG B 34 -23.46 34.45 -7.75
CA ARG B 34 -24.37 35.03 -6.77
C ARG B 34 -25.67 35.39 -7.47
N LYS B 35 -26.78 34.90 -6.93
CA LYS B 35 -28.12 35.19 -7.44
C LYS B 35 -28.90 35.91 -6.35
N ARG B 36 -29.42 37.10 -6.66
CA ARG B 36 -30.20 37.86 -5.69
C ARG B 36 -31.66 37.43 -5.78
N ILE B 37 -32.16 36.87 -4.68
CA ILE B 37 -33.54 36.43 -4.58
C ILE B 37 -34.37 37.58 -3.99
N SER B 38 -35.44 37.96 -4.68
CA SER B 38 -36.22 39.11 -4.25
C SER B 38 -37.62 39.06 -4.83
N ASN B 39 -38.56 39.71 -4.12
CA ASN B 39 -39.92 39.94 -4.59
C ASN B 39 -40.63 38.62 -4.95
N CYS B 40 -40.52 37.65 -4.05
CA CYS B 40 -41.06 36.32 -4.32
C CYS B 40 -41.37 35.61 -3.01
N VAL B 41 -42.15 34.54 -3.12
CA VAL B 41 -42.50 33.69 -2.00
C VAL B 41 -41.53 32.51 -2.00
N ALA B 42 -40.73 32.41 -0.94
CA ALA B 42 -39.80 31.32 -0.80
C ALA B 42 -40.44 30.18 -0.02
N ASP B 43 -40.24 28.95 -0.49
CA ASP B 43 -40.66 27.76 0.21
C ASP B 43 -39.40 26.91 0.42
N TYR B 44 -38.72 27.14 1.53
CA TYR B 44 -37.51 26.40 1.86
C TYR B 44 -37.77 24.92 2.12
N SER B 45 -39.03 24.48 2.11
CA SER B 45 -39.39 23.09 2.36
C SER B 45 -38.98 22.16 1.23
N VAL B 46 -38.62 22.69 0.05
CA VAL B 46 -38.17 21.85 -1.05
C VAL B 46 -36.71 21.49 -0.97
N LEU B 47 -35.96 22.12 -0.06
CA LEU B 47 -34.51 21.89 0.06
C LEU B 47 -34.27 20.67 0.94
N TYR B 48 -34.30 19.50 0.30
CA TYR B 48 -34.02 18.25 0.98
C TYR B 48 -33.67 17.20 -0.07
N ASN B 49 -33.34 16.00 0.40
CA ASN B 49 -33.04 14.85 -0.44
C ASN B 49 -31.84 15.13 -1.34
N PHE B 50 -30.77 15.66 -0.75
CA PHE B 50 -29.49 15.76 -1.42
C PHE B 50 -28.75 14.44 -1.28
N ALA B 51 -27.50 14.41 -1.76
CA ALA B 51 -26.66 13.22 -1.64
C ALA B 51 -26.55 12.83 -0.17
N PRO B 52 -26.44 11.54 0.14
CA PRO B 52 -26.46 11.11 1.55
C PRO B 52 -25.39 11.81 2.39
N PHE B 53 -25.78 12.15 3.62
CA PHE B 53 -24.89 12.76 4.60
C PHE B 53 -24.40 14.13 4.15
N PHE B 54 -25.27 14.86 3.46
CA PHE B 54 -25.03 16.25 3.11
C PHE B 54 -24.97 17.10 4.38
N ALA B 55 -24.47 18.33 4.21
CA ALA B 55 -24.38 19.30 5.29
C ALA B 55 -25.42 20.39 5.08
N PHE B 56 -26.16 20.70 6.15
CA PHE B 56 -27.15 21.79 6.17
C PHE B 56 -26.86 22.58 7.45
N LYS B 57 -26.01 23.60 7.32
CA LYS B 57 -25.41 24.28 8.46
C LYS B 57 -25.81 25.74 8.44
N CYS B 58 -26.63 26.14 9.42
CA CYS B 58 -27.16 27.49 9.51
C CYS B 58 -26.53 28.21 10.71
N TYR B 59 -26.47 29.54 10.61
CA TYR B 59 -25.84 30.37 11.62
C TYR B 59 -26.66 31.63 11.81
N GLY B 60 -27.08 31.88 13.05
CA GLY B 60 -27.83 33.08 13.36
C GLY B 60 -29.29 33.08 12.92
N VAL B 61 -29.77 31.99 12.32
CA VAL B 61 -31.17 31.88 11.93
C VAL B 61 -31.56 30.41 11.95
N SER B 62 -32.78 30.13 12.42
CA SER B 62 -33.26 28.77 12.56
C SER B 62 -33.89 28.31 11.25
N PRO B 63 -33.38 27.25 10.62
CA PRO B 63 -34.00 26.78 9.36
C PRO B 63 -35.40 26.20 9.54
N THR B 64 -35.79 25.84 10.76
CA THR B 64 -37.13 25.31 10.99
C THR B 64 -38.18 26.41 11.04
N LYS B 65 -37.79 27.62 11.46
CA LYS B 65 -38.65 28.78 11.47
C LYS B 65 -38.63 29.54 10.13
N LEU B 66 -37.80 29.09 9.19
CA LEU B 66 -37.54 29.86 7.98
C LEU B 66 -38.81 30.11 7.16
N ASN B 67 -39.75 29.17 7.18
CA ASN B 67 -41.00 29.33 6.43
C ASN B 67 -41.96 30.33 7.07
N ASP B 68 -41.58 30.97 8.18
CA ASP B 68 -42.41 31.99 8.81
C ASP B 68 -41.71 33.34 8.87
N LEU B 69 -40.56 33.49 8.22
CA LEU B 69 -39.77 34.71 8.30
C LEU B 69 -39.85 35.49 7.00
N CYS B 70 -39.55 36.79 7.11
CA CYS B 70 -39.48 37.68 5.96
C CYS B 70 -38.13 38.40 5.98
N PHE B 71 -37.61 38.69 4.79
CA PHE B 71 -36.34 39.39 4.66
C PHE B 71 -36.43 40.35 3.48
N THR B 72 -35.60 41.40 3.54
CA THR B 72 -35.56 42.35 2.44
C THR B 72 -34.93 41.72 1.20
N ASN B 73 -33.91 40.89 1.38
CA ASN B 73 -33.28 40.18 0.28
C ASN B 73 -32.72 38.86 0.78
N VAL B 74 -32.54 37.93 -0.16
CA VAL B 74 -31.85 36.67 0.08
C VAL B 74 -30.85 36.47 -1.04
N TYR B 75 -29.62 36.11 -0.69
CA TYR B 75 -28.56 35.89 -1.66
C TYR B 75 -28.15 34.42 -1.63
N ALA B 76 -28.09 33.80 -2.80
CA ALA B 76 -27.69 32.41 -2.95
C ALA B 76 -26.38 32.36 -3.73
N ASP B 77 -25.29 32.08 -3.02
CA ASP B 77 -23.97 31.93 -3.64
C ASP B 77 -23.68 30.45 -3.84
N SER B 78 -23.14 30.10 -5.01
CA SER B 78 -22.96 28.71 -5.37
C SER B 78 -21.59 28.50 -6.01
N PHE B 79 -21.02 27.32 -5.78
CA PHE B 79 -19.72 26.92 -6.28
C PHE B 79 -19.49 25.45 -5.91
N VAL B 80 -18.40 24.89 -6.43
CA VAL B 80 -17.99 23.52 -6.14
C VAL B 80 -16.61 23.54 -5.49
N ILE B 81 -16.43 22.70 -4.47
CA ILE B 81 -15.15 22.57 -3.77
C ILE B 81 -14.84 21.11 -3.52
N ARG B 82 -13.65 20.87 -2.99
CA ARG B 82 -13.22 19.54 -2.59
C ARG B 82 -13.98 19.10 -1.34
N GLY B 83 -13.99 17.79 -1.12
CA GLY B 83 -14.70 17.25 0.03
C GLY B 83 -14.16 17.77 1.35
N ASN B 84 -12.84 17.67 1.53
CA ASN B 84 -12.23 18.06 2.80
C ASN B 84 -12.07 19.57 2.95
N GLU B 85 -12.65 20.37 2.05
CA GLU B 85 -12.67 21.81 2.19
C GLU B 85 -14.02 22.35 2.66
N VAL B 86 -15.02 21.48 2.80
CA VAL B 86 -16.38 21.92 3.09
C VAL B 86 -16.45 22.67 4.42
N SER B 87 -15.69 22.22 5.42
CA SER B 87 -15.76 22.83 6.73
C SER B 87 -15.35 24.30 6.73
N GLN B 88 -14.59 24.73 5.72
CA GLN B 88 -14.13 26.11 5.65
C GLN B 88 -15.21 27.08 5.20
N ILE B 89 -16.35 26.60 4.74
CA ILE B 89 -17.45 27.48 4.32
C ILE B 89 -18.34 27.67 5.53
N ALA B 90 -17.88 28.54 6.44
CA ALA B 90 -18.53 28.83 7.70
C ALA B 90 -17.80 29.99 8.36
N PRO B 91 -18.42 30.69 9.31
CA PRO B 91 -17.74 31.81 9.96
C PRO B 91 -16.53 31.35 10.76
N GLY B 92 -15.50 32.19 10.77
CA GLY B 92 -14.31 31.94 11.57
C GLY B 92 -13.43 30.79 11.12
N GLN B 93 -13.19 30.67 9.82
CA GLN B 93 -12.46 29.53 9.26
C GLN B 93 -11.25 30.00 8.46
N THR B 94 -10.24 29.14 8.42
CA THR B 94 -9.01 29.37 7.68
C THR B 94 -8.79 28.23 6.71
N GLY B 95 -7.95 28.46 5.71
CA GLY B 95 -7.65 27.44 4.71
C GLY B 95 -7.61 28.01 3.31
N ASN B 96 -7.22 27.19 2.32
CA ASN B 96 -7.09 27.68 0.96
C ASN B 96 -8.39 28.32 0.46
N ILE B 97 -9.53 27.76 0.85
CA ILE B 97 -10.80 28.26 0.33
C ILE B 97 -11.25 29.50 1.09
N ALA B 98 -11.26 29.44 2.42
CA ALA B 98 -11.73 30.58 3.21
C ALA B 98 -10.79 31.77 3.14
N ASP B 99 -9.51 31.56 2.83
CA ASP B 99 -8.56 32.65 2.77
C ASP B 99 -8.52 33.34 1.41
N TYR B 100 -8.61 32.56 0.32
CA TYR B 100 -8.34 33.10 -1.01
C TYR B 100 -9.51 33.00 -1.98
N ASN B 101 -10.54 32.22 -1.69
CA ASN B 101 -11.59 31.97 -2.66
C ASN B 101 -12.95 32.48 -2.22
N TYR B 102 -13.42 32.05 -1.05
CA TYR B 102 -14.73 32.45 -0.56
C TYR B 102 -14.69 32.56 0.95
N LYS B 103 -15.01 33.74 1.47
CA LYS B 103 -14.94 34.04 2.89
C LYS B 103 -16.31 34.42 3.43
N LEU B 104 -16.63 33.90 4.61
CA LEU B 104 -17.83 34.32 5.32
C LEU B 104 -17.45 35.14 6.55
N PRO B 105 -18.24 36.15 6.90
CA PRO B 105 -17.92 36.98 8.06
C PRO B 105 -18.36 36.32 9.35
N ASP B 106 -17.89 36.90 10.47
CA ASP B 106 -18.24 36.37 11.78
C ASP B 106 -19.72 36.53 12.06
N ASP B 107 -20.31 37.65 11.61
CA ASP B 107 -21.73 37.93 11.83
C ASP B 107 -22.61 37.37 10.72
N PHE B 108 -22.15 36.34 10.02
CA PHE B 108 -22.94 35.72 8.97
C PHE B 108 -24.23 35.16 9.53
N THR B 109 -25.36 35.62 8.98
CA THR B 109 -26.68 35.09 9.29
C THR B 109 -27.20 34.41 8.04
N GLY B 110 -27.13 33.08 8.00
CA GLY B 110 -27.58 32.35 6.85
C GLY B 110 -27.28 30.87 7.00
N CYS B 111 -27.43 30.16 5.88
CA CYS B 111 -27.30 28.70 5.86
C CYS B 111 -26.34 28.27 4.75
N VAL B 112 -25.67 27.14 4.99
CA VAL B 112 -24.71 26.56 4.06
C VAL B 112 -25.15 25.14 3.76
N ILE B 113 -25.60 24.90 2.53
CA ILE B 113 -26.01 23.57 2.08
C ILE B 113 -24.93 23.06 1.13
N ALA B 114 -24.35 21.90 1.46
CA ALA B 114 -23.25 21.34 0.69
C ALA B 114 -23.46 19.83 0.58
N TRP B 115 -23.47 19.32 -0.65
CA TRP B 115 -23.75 17.90 -0.87
C TRP B 115 -22.81 17.33 -1.91
N ASN B 116 -22.61 16.01 -1.83
CA ASN B 116 -21.68 15.30 -2.70
C ASN B 116 -22.22 15.29 -4.13
N SER B 117 -21.37 15.69 -5.08
CA SER B 117 -21.73 15.75 -6.49
C SER B 117 -20.78 14.92 -7.33
N ASN B 118 -20.37 13.76 -6.81
CA ASN B 118 -19.42 12.92 -7.53
C ASN B 118 -20.01 12.41 -8.84
N LYS B 119 -21.30 12.04 -8.82
CA LYS B 119 -21.94 11.53 -10.03
C LYS B 119 -22.07 12.64 -11.08
N LEU B 120 -22.16 13.89 -10.66
CA LEU B 120 -22.36 15.01 -11.59
C LEU B 120 -21.05 15.56 -12.13
N ASP B 121 -20.08 15.83 -11.25
CA ASP B 121 -18.94 16.68 -11.59
C ASP B 121 -17.62 15.94 -11.79
N SER B 122 -17.58 14.62 -11.63
CA SER B 122 -16.36 13.86 -11.82
C SER B 122 -16.31 13.26 -13.22
N THR B 123 -15.09 13.03 -13.71
CA THR B 123 -14.86 12.51 -15.05
C THR B 123 -13.68 11.55 -15.02
N VAL B 124 -13.80 10.45 -15.76
CA VAL B 124 -12.72 9.48 -15.84
C VAL B 124 -11.43 10.13 -16.32
N GLY B 125 -11.52 10.97 -17.35
CA GLY B 125 -10.37 11.74 -17.77
C GLY B 125 -9.99 12.87 -16.85
N GLY B 126 -10.75 13.11 -15.79
CA GLY B 126 -10.50 14.21 -14.87
C GLY B 126 -11.20 15.48 -15.30
N ASN B 127 -11.89 16.13 -14.38
CA ASN B 127 -12.62 17.36 -14.67
C ASN B 127 -11.75 18.53 -14.20
N TYR B 128 -10.97 19.08 -15.12
CA TYR B 128 -10.10 20.21 -14.82
C TYR B 128 -10.79 21.55 -14.98
N ASN B 129 -12.09 21.56 -15.32
CA ASN B 129 -12.79 22.83 -15.50
C ASN B 129 -13.01 23.54 -14.17
N TYR B 130 -13.29 22.79 -13.11
CA TYR B 130 -13.41 23.39 -11.78
C TYR B 130 -12.03 23.73 -11.25
N ARG B 131 -11.83 24.99 -10.88
CA ARG B 131 -10.54 25.47 -10.41
C ARG B 131 -10.72 26.23 -9.10
N TYR B 132 -9.58 26.57 -8.48
CA TYR B 132 -9.59 27.41 -7.29
C TYR B 132 -8.27 28.16 -7.22
N ARG B 133 -8.28 29.28 -6.50
CA ARG B 133 -7.10 30.12 -6.35
C ARG B 133 -6.18 29.52 -5.30
N LEU B 134 -4.93 29.26 -5.69
CA LEU B 134 -3.95 28.65 -4.80
C LEU B 134 -2.99 29.64 -4.18
N PHE B 135 -2.76 30.78 -4.83
CA PHE B 135 -1.86 31.81 -4.33
C PHE B 135 -2.53 33.17 -4.42
N ARG B 136 -2.46 33.95 -3.35
CA ARG B 136 -2.92 35.33 -3.37
C ARG B 136 -2.04 36.14 -2.42
N LYS B 137 -1.88 37.42 -2.75
CA LYS B 137 -1.00 38.30 -1.97
C LYS B 137 -1.51 38.51 -0.55
N SER B 138 -2.81 38.38 -0.31
CA SER B 138 -3.37 38.60 1.02
C SER B 138 -4.73 37.92 1.10
N LYS B 139 -5.25 37.82 2.31
CA LYS B 139 -6.53 37.16 2.55
C LYS B 139 -7.68 37.97 1.95
N LEU B 140 -8.72 37.25 1.54
CA LEU B 140 -9.92 37.87 1.00
C LEU B 140 -10.77 38.46 2.12
N LYS B 141 -11.27 39.68 1.89
CA LYS B 141 -12.29 40.22 2.77
C LYS B 141 -13.59 39.43 2.61
N PRO B 142 -14.44 39.42 3.63
CA PRO B 142 -15.69 38.62 3.53
C PRO B 142 -16.54 39.06 2.34
N PHE B 143 -17.01 38.06 1.58
CA PHE B 143 -17.84 38.25 0.40
C PHE B 143 -17.11 38.94 -0.74
N GLU B 144 -15.78 38.96 -0.71
CA GLU B 144 -15.01 39.49 -1.82
C GLU B 144 -14.79 38.41 -2.87
N ARG B 145 -14.71 38.82 -4.13
CA ARG B 145 -14.52 37.91 -5.25
C ARG B 145 -13.33 38.37 -6.07
N ASP B 146 -12.39 37.46 -6.32
CA ASP B 146 -11.21 37.73 -7.12
C ASP B 146 -11.18 36.76 -8.30
N ILE B 147 -11.12 37.31 -9.51
CA ILE B 147 -11.09 36.53 -10.75
C ILE B 147 -9.89 36.89 -11.60
N SER B 148 -8.83 37.45 -10.99
CA SER B 148 -7.67 37.90 -11.73
C SER B 148 -6.73 36.75 -12.03
N THR B 149 -6.34 36.61 -13.30
CA THR B 149 -5.42 35.58 -13.75
C THR B 149 -3.97 36.04 -13.70
N GLU B 150 -3.63 36.98 -12.83
CA GLU B 150 -2.28 37.54 -12.79
C GLU B 150 -1.31 36.54 -12.20
N ILE B 151 -0.10 36.49 -12.78
CA ILE B 151 0.91 35.55 -12.33
C ILE B 151 1.38 35.94 -10.93
N TYR B 152 1.18 35.04 -9.97
CA TYR B 152 1.68 35.27 -8.61
C TYR B 152 3.20 35.26 -8.61
N GLN B 153 3.79 36.33 -8.09
CA GLN B 153 5.24 36.46 -8.02
C GLN B 153 5.71 35.94 -6.66
N ALA B 154 6.19 34.70 -6.63
CA ALA B 154 6.69 34.13 -5.38
C ALA B 154 8.10 34.62 -5.07
N GLY B 155 8.97 34.67 -6.07
CA GLY B 155 10.33 35.15 -5.89
C GLY B 155 10.41 36.66 -5.92
N ASN B 156 11.64 37.15 -5.98
CA ASN B 156 11.91 38.58 -6.01
C ASN B 156 12.15 39.11 -7.42
N LYS B 157 12.16 38.24 -8.42
CA LYS B 157 12.23 38.78 -9.77
C LYS B 157 10.83 38.99 -10.32
N PRO B 158 10.62 40.06 -11.10
CA PRO B 158 9.30 40.25 -11.70
C PRO B 158 9.01 39.17 -12.73
N CYS B 159 7.72 38.86 -12.88
CA CYS B 159 7.31 37.75 -13.72
C CYS B 159 6.97 38.17 -15.15
N ASN B 160 6.56 39.42 -15.35
CA ASN B 160 6.18 39.94 -16.66
C ASN B 160 5.09 39.08 -17.30
N GLY B 161 4.14 38.64 -16.49
CA GLY B 161 3.01 37.88 -16.99
C GLY B 161 3.34 36.51 -17.53
N VAL B 162 4.52 35.97 -17.22
CA VAL B 162 4.95 34.68 -17.74
C VAL B 162 5.16 33.74 -16.54
N ALA B 163 4.49 32.59 -16.58
CA ALA B 163 4.74 31.56 -15.59
C ALA B 163 6.17 31.02 -15.76
N GLY B 164 6.81 30.72 -14.63
CA GLY B 164 8.17 30.22 -14.69
C GLY B 164 8.77 29.94 -13.32
N VAL B 165 10.09 30.08 -13.21
CA VAL B 165 10.76 29.87 -11.94
C VAL B 165 10.28 30.92 -10.95
N ASN B 166 9.77 30.48 -9.79
CA ASN B 166 9.22 31.33 -8.76
C ASN B 166 8.04 32.17 -9.24
N CYS B 167 7.53 31.91 -10.44
CA CYS B 167 6.41 32.63 -11.02
C CYS B 167 5.35 31.60 -11.41
N TYR B 168 4.27 31.56 -10.63
CA TYR B 168 3.26 30.52 -10.76
C TYR B 168 1.93 31.09 -11.23
N PHE B 169 1.24 30.35 -12.08
CA PHE B 169 -0.15 30.66 -12.40
C PHE B 169 -0.98 30.45 -11.15
N PRO B 170 -1.83 31.42 -10.76
CA PRO B 170 -2.41 31.39 -9.41
C PRO B 170 -3.56 30.40 -9.24
N LEU B 171 -4.19 29.95 -10.31
CA LEU B 171 -5.33 29.04 -10.19
C LEU B 171 -4.86 27.59 -10.32
N GLN B 172 -5.59 26.70 -9.64
CA GLN B 172 -5.28 25.28 -9.64
C GLN B 172 -6.55 24.50 -9.98
N SER B 173 -6.42 23.54 -10.90
CA SER B 173 -7.55 22.70 -11.27
C SER B 173 -7.68 21.53 -10.30
N TYR B 174 -8.92 21.18 -9.95
CA TYR B 174 -9.15 20.02 -9.11
C TYR B 174 -8.85 18.73 -9.86
N GLY B 175 -9.47 18.55 -11.01
CA GLY B 175 -9.32 17.32 -11.76
C GLY B 175 -10.14 16.17 -11.22
N PHE B 176 -11.38 16.43 -10.79
CA PHE B 176 -12.21 15.43 -10.14
C PHE B 176 -12.36 14.18 -11.00
N ARG B 177 -12.03 13.03 -10.41
CA ARG B 177 -12.27 11.72 -10.99
C ARG B 177 -13.18 10.93 -10.05
N PRO B 178 -14.04 10.07 -10.60
CA PRO B 178 -15.03 9.41 -9.74
C PRO B 178 -14.41 8.42 -8.77
N THR B 179 -13.24 7.89 -9.07
CA THR B 179 -12.59 6.90 -8.21
C THR B 179 -11.88 7.53 -7.01
N TYR B 180 -11.93 8.85 -6.86
CA TYR B 180 -11.32 9.52 -5.72
C TYR B 180 -12.03 9.13 -4.43
N GLY B 181 -11.37 9.42 -3.31
CA GLY B 181 -12.01 9.31 -2.02
C GLY B 181 -12.86 10.53 -1.70
N VAL B 182 -13.76 10.36 -0.74
CA VAL B 182 -14.77 11.38 -0.46
C VAL B 182 -14.13 12.73 -0.11
N GLY B 183 -12.99 12.72 0.58
CA GLY B 183 -12.32 13.97 0.88
C GLY B 183 -11.82 14.71 -0.33
N HIS B 184 -11.64 14.02 -1.45
CA HIS B 184 -11.21 14.64 -2.70
C HIS B 184 -12.31 14.71 -3.74
N GLN B 185 -13.50 14.20 -3.44
CA GLN B 185 -14.62 14.25 -4.36
C GLN B 185 -15.24 15.64 -4.38
N PRO B 186 -15.94 16.00 -5.45
CA PRO B 186 -16.52 17.34 -5.53
C PRO B 186 -17.80 17.45 -4.71
N TYR B 187 -18.01 18.65 -4.16
CA TYR B 187 -19.20 18.95 -3.39
C TYR B 187 -19.81 20.23 -3.93
N ARG B 188 -21.07 20.15 -4.37
CA ARG B 188 -21.80 21.36 -4.71
C ARG B 188 -22.23 22.08 -3.43
N VAL B 189 -22.06 23.39 -3.41
CA VAL B 189 -22.30 24.21 -2.23
C VAL B 189 -23.17 25.39 -2.61
N VAL B 190 -24.21 25.64 -1.81
CA VAL B 190 -25.06 26.82 -1.95
C VAL B 190 -25.11 27.52 -0.59
N VAL B 191 -24.85 28.82 -0.60
CA VAL B 191 -24.77 29.62 0.62
C VAL B 191 -25.93 30.62 0.60
N LEU B 192 -26.92 30.40 1.46
CA LEU B 192 -28.07 31.29 1.57
C LEU B 192 -27.79 32.34 2.63
N SER B 193 -27.87 33.61 2.25
CA SER B 193 -27.66 34.73 3.16
C SER B 193 -28.98 35.49 3.30
N PHE B 194 -29.48 35.60 4.52
CA PHE B 194 -30.73 36.27 4.80
C PHE B 194 -30.44 37.66 5.37
N GLU B 195 -30.93 38.68 4.66
CA GLU B 195 -30.57 40.07 4.91
C GLU B 195 -31.80 40.83 5.40
N LEU B 196 -31.67 41.48 6.55
CA LEU B 196 -32.76 42.27 7.12
C LEU B 196 -32.28 43.71 7.22
N LEU B 197 -32.85 44.58 6.41
CA LEU B 197 -32.49 46.00 6.38
C LEU B 197 -33.69 46.83 6.78
N HIS B 198 -33.47 48.15 6.87
CA HIS B 198 -34.55 49.11 7.08
C HIS B 198 -35.23 49.38 5.75
N ALA B 199 -36.12 48.47 5.38
CA ALA B 199 -36.80 48.46 4.09
C ALA B 199 -37.96 47.48 4.16
N PRO B 200 -38.93 47.58 3.26
CA PRO B 200 -40.01 46.57 3.22
C PRO B 200 -39.47 45.19 2.86
N ALA B 201 -39.79 44.21 3.70
CA ALA B 201 -39.34 42.84 3.46
C ALA B 201 -40.11 42.23 2.30
N THR B 202 -39.38 41.76 1.28
CA THR B 202 -40.01 41.33 0.03
C THR B 202 -39.76 39.85 -0.28
N VAL B 203 -39.10 39.12 0.60
CA VAL B 203 -38.98 37.67 0.50
C VAL B 203 -39.59 37.08 1.75
N CYS B 204 -40.71 36.37 1.59
CA CYS B 204 -41.42 35.77 2.71
C CYS B 204 -41.74 34.31 2.40
N GLY B 205 -41.94 33.53 3.45
CA GLY B 205 -42.42 32.18 3.31
C GLY B 205 -43.92 32.15 3.09
N PRO B 206 -44.46 30.93 2.96
CA PRO B 206 -45.90 30.70 2.79
C PRO B 206 -46.74 31.38 3.86
#